data_1CBL
#
_entry.id   1CBL
#
_cell.length_a   63.000
_cell.length_b   81.800
_cell.length_c   54.400
_cell.angle_alpha   90.00
_cell.angle_beta   89.70
_cell.angle_gamma   90.00
#
_symmetry.space_group_name_H-M   'P 1 21 1'
#
loop_
_entity.id
_entity.type
_entity.pdbx_description
1 polymer 'HEMOGLOBIN BETA 4 (DEOXY)'
2 non-polymer 'SULFATE ION'
3 non-polymer 'PROTOPORPHYRIN IX CONTAINING FE'
4 water water
#
_entity_poly.entity_id   1
_entity_poly.type   'polypeptide(L)'
_entity_poly.pdbx_seq_one_letter_code
;VHLTPEEKSAVTALWGKVNVDEVGGEALGRLLVVYPWTQRFFESFGDLSTPDAVMGNPKVKAHGKKVLGAFSDGLAHLDN
LKGTFATLSELHCDKLHVDPENFRLLGNVLVCVLAHHFGKEFTPPVQAAYQKVVAGVANALAHKYH
;
_entity_poly.pdbx_strand_id   A,B,C,D
#
loop_
_chem_comp.id
_chem_comp.type
_chem_comp.name
_chem_comp.formula
HEM non-polymer 'PROTOPORPHYRIN IX CONTAINING FE' 'C34 H32 Fe N4 O4'
SO4 non-polymer 'SULFATE ION' 'O4 S -2'
#
# COMPACT_ATOMS: atom_id res chain seq x y z
N VAL A 1 3.10 -16.91 10.55
CA VAL A 1 2.13 -17.46 9.61
C VAL A 1 1.38 -18.64 10.25
N HIS A 2 0.06 -18.55 10.24
CA HIS A 2 -0.75 -19.68 10.74
C HIS A 2 -1.30 -20.44 9.53
N LEU A 3 -0.71 -21.61 9.27
CA LEU A 3 -1.21 -22.42 8.16
C LEU A 3 -1.87 -23.68 8.72
N THR A 4 -2.95 -24.08 8.10
CA THR A 4 -3.55 -25.39 8.56
C THR A 4 -2.62 -26.46 8.03
N PRO A 5 -2.63 -27.63 8.67
CA PRO A 5 -1.74 -28.73 8.23
C PRO A 5 -2.02 -29.06 6.78
N GLU A 6 -3.25 -28.75 6.36
CA GLU A 6 -3.68 -29.02 4.97
C GLU A 6 -2.99 -27.99 4.08
N GLU A 7 -2.90 -26.78 4.65
CA GLU A 7 -2.21 -25.66 3.97
C GLU A 7 -0.71 -25.90 3.97
N LYS A 8 -0.21 -26.29 5.13
CA LYS A 8 1.22 -26.55 5.20
C LYS A 8 1.61 -27.63 4.19
N SER A 9 0.75 -28.65 4.03
CA SER A 9 1.11 -29.75 3.12
C SER A 9 1.04 -29.37 1.66
N ALA A 10 0.02 -28.63 1.32
CA ALA A 10 -0.14 -28.12 -0.05
C ALA A 10 1.07 -27.24 -0.39
N VAL A 11 1.52 -26.47 0.61
CA VAL A 11 2.68 -25.57 0.35
C VAL A 11 3.89 -26.43 -0.02
N THR A 12 4.21 -27.28 0.93
CA THR A 12 5.33 -28.23 0.90
C THR A 12 5.37 -29.05 -0.38
N ALA A 13 4.26 -29.67 -0.72
CA ALA A 13 4.25 -30.48 -1.93
C ALA A 13 4.50 -29.71 -3.20
N LEU A 14 3.96 -28.49 -3.37
CA LEU A 14 4.19 -27.79 -4.66
C LEU A 14 5.67 -27.36 -4.71
N TRP A 15 6.17 -26.91 -3.58
CA TRP A 15 7.53 -26.39 -3.49
C TRP A 15 8.51 -27.46 -3.96
N GLY A 16 8.23 -28.69 -3.53
CA GLY A 16 9.02 -29.87 -3.87
C GLY A 16 9.12 -30.19 -5.34
N LYS A 17 8.28 -29.61 -6.16
CA LYS A 17 8.30 -29.74 -7.60
C LYS A 17 8.98 -28.52 -8.25
N VAL A 18 9.45 -27.60 -7.42
CA VAL A 18 10.10 -26.37 -7.92
C VAL A 18 11.62 -26.43 -8.07
N ASN A 19 12.00 -25.93 -9.24
CA ASN A 19 13.45 -25.75 -9.55
C ASN A 19 13.86 -24.32 -9.09
N VAL A 20 14.38 -24.20 -7.90
CA VAL A 20 14.80 -22.94 -7.29
C VAL A 20 15.82 -22.17 -8.13
N ASP A 21 16.49 -22.90 -8.99
CA ASP A 21 17.50 -22.36 -9.90
C ASP A 21 16.70 -21.41 -10.82
N GLU A 22 15.88 -22.05 -11.61
CA GLU A 22 15.03 -21.43 -12.59
C GLU A 22 14.03 -20.46 -12.01
N VAL A 23 13.52 -20.71 -10.81
CA VAL A 23 12.48 -19.84 -10.24
C VAL A 23 13.05 -18.54 -9.66
N GLY A 24 14.08 -18.68 -8.86
CA GLY A 24 14.76 -17.55 -8.19
C GLY A 24 15.13 -16.48 -9.23
N GLY A 25 15.74 -16.90 -10.32
CA GLY A 25 16.16 -16.04 -11.40
C GLY A 25 15.03 -15.45 -12.18
N GLU A 26 13.96 -16.19 -12.33
CA GLU A 26 12.77 -15.76 -13.09
C GLU A 26 11.98 -14.70 -12.32
N ALA A 27 11.92 -14.93 -11.02
CA ALA A 27 11.19 -14.06 -10.08
C ALA A 27 11.90 -12.71 -9.90
N LEU A 28 13.21 -12.78 -9.62
CA LEU A 28 14.06 -11.62 -9.48
C LEU A 28 14.06 -10.84 -10.79
N GLY A 29 14.13 -11.50 -11.91
CA GLY A 29 14.12 -10.80 -13.19
C GLY A 29 12.79 -10.19 -13.50
N ARG A 30 11.72 -10.91 -13.17
CA ARG A 30 10.38 -10.33 -13.42
C ARG A 30 10.18 -9.11 -12.53
N LEU A 31 10.65 -9.14 -11.31
CA LEU A 31 10.57 -7.96 -10.41
C LEU A 31 11.11 -6.69 -11.09
N LEU A 32 12.35 -6.77 -11.58
CA LEU A 32 13.05 -5.62 -12.20
C LEU A 32 12.39 -5.12 -13.43
N VAL A 33 11.74 -6.00 -14.16
CA VAL A 33 11.03 -5.63 -15.38
C VAL A 33 9.66 -5.01 -15.16
N VAL A 34 8.87 -5.59 -14.26
CA VAL A 34 7.50 -5.13 -14.00
C VAL A 34 7.46 -3.88 -13.12
N TYR A 35 8.35 -3.79 -12.16
CA TYR A 35 8.42 -2.64 -11.20
C TYR A 35 9.85 -2.09 -11.34
N PRO A 36 10.09 -1.37 -12.40
CA PRO A 36 11.39 -0.87 -12.79
C PRO A 36 12.22 -0.08 -11.82
N TRP A 37 11.61 0.57 -10.86
CA TRP A 37 12.30 1.31 -9.83
C TRP A 37 13.18 0.38 -9.02
N THR A 38 12.86 -0.92 -9.01
CA THR A 38 13.66 -1.88 -8.21
C THR A 38 15.07 -2.05 -8.69
N GLN A 39 15.30 -1.69 -9.94
CA GLN A 39 16.64 -1.82 -10.52
C GLN A 39 17.66 -0.96 -9.78
N ARG A 40 17.20 0.09 -9.13
CA ARG A 40 18.08 1.00 -8.40
C ARG A 40 18.93 0.26 -7.40
N PHE A 41 18.47 -0.89 -6.95
CA PHE A 41 19.21 -1.67 -5.96
C PHE A 41 20.29 -2.55 -6.62
N PHE A 42 20.20 -2.66 -7.91
CA PHE A 42 21.07 -3.62 -8.63
C PHE A 42 21.96 -3.05 -9.72
N GLU A 43 22.27 -1.76 -9.64
CA GLU A 43 23.09 -1.05 -10.62
C GLU A 43 24.47 -1.65 -10.73
N SER A 44 25.04 -2.13 -9.65
CA SER A 44 26.36 -2.76 -9.70
C SER A 44 26.33 -4.11 -10.42
N PHE A 45 25.19 -4.60 -10.81
CA PHE A 45 25.02 -5.91 -11.44
C PHE A 45 25.27 -5.82 -12.95
N GLY A 46 25.28 -4.63 -13.49
CA GLY A 46 25.51 -4.42 -14.93
C GLY A 46 24.35 -3.79 -15.63
N ASP A 47 24.24 -4.04 -16.93
CA ASP A 47 23.14 -3.43 -17.71
C ASP A 47 21.83 -4.19 -17.45
N LEU A 48 20.84 -3.34 -17.21
CA LEU A 48 19.46 -3.69 -16.87
C LEU A 48 18.52 -2.73 -17.63
N SER A 49 19.09 -2.19 -18.70
CA SER A 49 18.39 -1.22 -19.56
C SER A 49 17.25 -1.88 -20.33
N THR A 50 17.37 -3.18 -20.59
CA THR A 50 16.25 -3.86 -21.27
C THR A 50 15.82 -5.11 -20.51
N PRO A 51 14.56 -5.46 -20.74
CA PRO A 51 13.99 -6.66 -20.10
C PRO A 51 14.96 -7.83 -20.26
N ASP A 52 15.26 -7.94 -21.54
CA ASP A 52 16.17 -8.96 -22.10
C ASP A 52 17.47 -8.86 -21.34
N ALA A 53 17.95 -7.61 -21.20
CA ALA A 53 19.18 -7.38 -20.41
C ALA A 53 18.94 -7.86 -19.00
N VAL A 54 17.76 -7.55 -18.46
CA VAL A 54 17.44 -7.94 -17.09
C VAL A 54 17.45 -9.46 -16.88
N MET A 55 16.59 -10.12 -17.65
CA MET A 55 16.39 -11.57 -17.60
C MET A 55 17.65 -12.35 -17.89
N GLY A 56 18.52 -11.79 -18.73
CA GLY A 56 19.78 -12.35 -19.18
C GLY A 56 20.95 -12.15 -18.23
N ASN A 57 20.83 -11.13 -17.42
CA ASN A 57 21.85 -10.80 -16.44
C ASN A 57 22.14 -11.95 -15.47
N PRO A 58 23.33 -12.49 -15.61
CA PRO A 58 23.81 -13.61 -14.80
C PRO A 58 23.94 -13.31 -13.33
N LYS A 59 24.20 -12.03 -13.01
CA LYS A 59 24.31 -11.71 -11.59
C LYS A 59 22.85 -11.65 -11.04
N VAL A 60 21.95 -11.36 -11.94
CA VAL A 60 20.50 -11.27 -11.59
C VAL A 60 20.00 -12.71 -11.32
N LYS A 61 20.25 -13.49 -12.38
CA LYS A 61 19.90 -14.91 -12.34
C LYS A 61 20.56 -15.47 -11.08
N ALA A 62 21.82 -15.17 -10.92
CA ALA A 62 22.50 -15.71 -9.73
C ALA A 62 22.02 -15.14 -8.42
N HIS A 63 21.62 -13.86 -8.42
CA HIS A 63 21.17 -13.30 -7.12
C HIS A 63 19.82 -13.95 -6.78
N GLY A 64 19.02 -14.13 -7.83
CA GLY A 64 17.70 -14.75 -7.69
C GLY A 64 17.80 -16.08 -6.95
N LYS A 65 18.72 -16.92 -7.41
CA LYS A 65 18.92 -18.25 -6.84
C LYS A 65 19.15 -18.19 -5.36
N LYS A 66 19.90 -17.22 -4.92
CA LYS A 66 20.29 -17.01 -3.53
C LYS A 66 19.11 -16.54 -2.68
N VAL A 67 18.30 -15.73 -3.35
CA VAL A 67 17.09 -15.13 -2.68
C VAL A 67 16.10 -16.28 -2.43
N LEU A 68 15.88 -17.11 -3.42
CA LEU A 68 14.91 -18.25 -3.27
C LEU A 68 15.44 -19.27 -2.27
N GLY A 69 16.77 -19.34 -2.24
CA GLY A 69 17.50 -20.22 -1.37
C GLY A 69 17.04 -19.94 0.04
N ALA A 70 17.17 -18.70 0.44
CA ALA A 70 16.81 -18.19 1.77
C ALA A 70 15.34 -18.44 2.07
N PHE A 71 14.59 -18.24 1.01
CA PHE A 71 13.13 -18.42 1.07
C PHE A 71 12.82 -19.84 1.55
N SER A 72 13.27 -20.76 0.72
CA SER A 72 13.19 -22.20 0.95
C SER A 72 13.52 -22.56 2.38
N ASP A 73 14.39 -21.81 3.03
CA ASP A 73 14.77 -22.04 4.40
C ASP A 73 13.81 -21.42 5.40
N GLY A 74 13.01 -20.45 5.00
CA GLY A 74 12.04 -19.91 6.03
C GLY A 74 10.91 -20.98 6.05
N LEU A 75 10.68 -21.59 4.91
CA LEU A 75 9.64 -22.59 4.68
C LEU A 75 9.74 -23.75 5.68
N ALA A 76 10.98 -24.09 5.96
CA ALA A 76 11.30 -25.16 6.91
C ALA A 76 11.06 -24.67 8.32
N HIS A 77 10.84 -23.37 8.51
CA HIS A 77 10.65 -22.78 9.83
C HIS A 77 9.53 -21.74 9.84
N LEU A 78 8.44 -22.06 9.17
CA LEU A 78 7.24 -21.23 9.05
C LEU A 78 6.67 -20.90 10.45
N ASP A 79 7.24 -21.60 11.36
CA ASP A 79 7.09 -21.65 12.80
C ASP A 79 7.75 -20.37 13.33
N ASN A 80 9.00 -20.12 12.92
CA ASN A 80 9.69 -18.89 13.34
C ASN A 80 10.39 -18.26 12.14
N LEU A 81 9.77 -17.21 11.61
CA LEU A 81 10.38 -16.58 10.41
C LEU A 81 11.24 -15.39 10.82
N LYS A 82 10.69 -14.71 11.80
CA LYS A 82 11.32 -13.49 12.36
C LYS A 82 12.72 -13.85 12.83
N GLY A 83 12.85 -15.05 13.39
CA GLY A 83 14.13 -15.56 13.90
C GLY A 83 14.98 -16.09 12.77
N THR A 84 14.37 -16.89 11.92
CA THR A 84 15.14 -17.37 10.73
C THR A 84 15.78 -16.18 10.00
N PHE A 85 14.97 -15.19 9.66
CA PHE A 85 15.30 -13.97 8.94
C PHE A 85 15.86 -12.78 9.67
N ALA A 86 16.10 -12.89 10.94
CA ALA A 86 16.56 -11.84 11.82
C ALA A 86 17.82 -11.13 11.33
N THR A 87 18.70 -11.95 10.79
CA THR A 87 20.01 -11.45 10.33
C THR A 87 19.94 -10.87 8.95
N LEU A 88 19.13 -11.45 8.09
CA LEU A 88 18.89 -10.91 6.76
C LEU A 88 18.06 -9.61 6.95
N SER A 89 17.33 -9.54 8.04
CA SER A 89 16.57 -8.32 8.30
C SER A 89 17.55 -7.18 8.62
N GLU A 90 18.51 -7.40 9.48
CA GLU A 90 19.45 -6.28 9.78
C GLU A 90 20.12 -5.84 8.50
N LEU A 91 20.54 -6.81 7.70
CA LEU A 91 21.23 -6.46 6.47
C LEU A 91 20.40 -5.54 5.60
N HIS A 92 19.20 -5.98 5.25
CA HIS A 92 18.31 -5.26 4.34
C HIS A 92 17.79 -3.94 4.90
N CYS A 93 17.45 -3.88 6.16
CA CYS A 93 16.94 -2.63 6.75
C CYS A 93 18.09 -1.66 7.04
N ASP A 94 19.03 -2.16 7.81
CA ASP A 94 20.17 -1.40 8.29
C ASP A 94 21.18 -1.03 7.25
N LYS A 95 21.65 -1.98 6.48
CA LYS A 95 22.68 -1.68 5.48
C LYS A 95 22.16 -1.26 4.14
N LEU A 96 21.26 -2.04 3.57
CA LEU A 96 20.72 -1.88 2.26
C LEU A 96 19.57 -0.89 2.08
N HIS A 97 18.82 -0.63 3.12
CA HIS A 97 17.64 0.27 3.07
C HIS A 97 16.63 -0.14 2.02
N VAL A 98 16.24 -1.44 1.98
CA VAL A 98 15.25 -1.89 0.99
C VAL A 98 13.86 -1.50 1.50
N ASP A 99 13.06 -0.76 0.77
CA ASP A 99 11.70 -0.39 1.22
C ASP A 99 10.89 -1.65 1.57
N PRO A 100 10.14 -1.62 2.67
CA PRO A 100 9.22 -2.71 3.01
C PRO A 100 8.34 -3.08 1.82
N GLU A 101 7.91 -2.08 1.07
CA GLU A 101 7.06 -2.33 -0.08
C GLU A 101 7.68 -3.29 -1.09
N ASN A 102 8.96 -3.20 -1.33
CA ASN A 102 9.67 -4.06 -2.30
C ASN A 102 9.56 -5.54 -1.96
N PHE A 103 9.58 -5.85 -0.68
CA PHE A 103 9.41 -7.24 -0.23
C PHE A 103 8.03 -7.75 -0.68
N ARG A 104 7.02 -6.91 -0.53
CA ARG A 104 5.66 -7.29 -0.94
C ARG A 104 5.60 -7.41 -2.43
N LEU A 105 6.24 -6.54 -3.22
CA LEU A 105 6.21 -6.72 -4.68
C LEU A 105 6.89 -8.04 -5.07
N LEU A 106 7.94 -8.44 -4.40
CA LEU A 106 8.62 -9.69 -4.75
C LEU A 106 7.70 -10.84 -4.40
N GLY A 107 7.01 -10.72 -3.28
CA GLY A 107 6.03 -11.79 -2.87
C GLY A 107 5.00 -11.97 -3.98
N ASN A 108 4.48 -10.89 -4.54
CA ASN A 108 3.53 -10.88 -5.64
C ASN A 108 4.06 -11.54 -6.89
N VAL A 109 5.30 -11.24 -7.29
CA VAL A 109 5.91 -11.81 -8.49
C VAL A 109 6.12 -13.30 -8.24
N LEU A 110 6.61 -13.62 -7.06
CA LEU A 110 6.79 -15.04 -6.75
C LEU A 110 5.50 -15.82 -6.96
N VAL A 111 4.40 -15.29 -6.49
CA VAL A 111 3.09 -15.96 -6.61
C VAL A 111 2.65 -16.11 -8.01
N CYS A 112 2.96 -15.06 -8.79
CA CYS A 112 2.55 -15.11 -10.21
C CYS A 112 3.36 -16.15 -10.97
N VAL A 113 4.63 -16.24 -10.59
CA VAL A 113 5.55 -17.21 -11.22
C VAL A 113 5.00 -18.63 -10.96
N LEU A 114 4.71 -18.97 -9.72
CA LEU A 114 4.13 -20.30 -9.38
C LEU A 114 2.88 -20.58 -10.19
N ALA A 115 1.96 -19.65 -10.25
CA ALA A 115 0.72 -19.74 -11.01
C ALA A 115 1.07 -20.06 -12.45
N HIS A 116 1.97 -19.29 -13.01
CA HIS A 116 2.42 -19.39 -14.40
C HIS A 116 3.03 -20.76 -14.72
N HIS A 117 3.71 -21.33 -13.75
CA HIS A 117 4.44 -22.58 -13.72
C HIS A 117 3.60 -23.81 -13.37
N PHE A 118 2.67 -23.79 -12.44
CA PHE A 118 1.84 -24.92 -12.00
C PHE A 118 0.35 -24.63 -12.21
N GLY A 119 0.03 -24.08 -13.34
CA GLY A 119 -1.31 -23.71 -13.73
C GLY A 119 -2.40 -24.15 -12.76
N LYS A 120 -3.06 -25.21 -13.23
CA LYS A 120 -4.21 -25.83 -12.57
C LYS A 120 -3.89 -26.41 -11.22
N GLU A 121 -2.61 -26.69 -10.95
CA GLU A 121 -2.27 -27.23 -9.62
C GLU A 121 -2.24 -26.12 -8.57
N PHE A 122 -2.08 -24.91 -9.10
CA PHE A 122 -2.06 -23.69 -8.24
C PHE A 122 -3.53 -23.27 -8.01
N THR A 123 -4.22 -23.97 -7.15
CA THR A 123 -5.64 -23.77 -6.82
C THR A 123 -5.84 -22.61 -5.84
N PRO A 124 -7.08 -22.12 -5.72
CA PRO A 124 -7.41 -21.02 -4.81
C PRO A 124 -6.83 -21.16 -3.43
N PRO A 125 -7.06 -22.28 -2.74
CA PRO A 125 -6.54 -22.49 -1.41
C PRO A 125 -5.02 -22.63 -1.33
N VAL A 126 -4.42 -23.07 -2.41
CA VAL A 126 -2.95 -23.23 -2.46
C VAL A 126 -2.44 -21.76 -2.57
N GLN A 127 -3.17 -21.01 -3.39
CA GLN A 127 -2.76 -19.55 -3.57
C GLN A 127 -2.81 -18.78 -2.27
N ALA A 128 -3.90 -19.04 -1.57
CA ALA A 128 -4.19 -18.47 -0.27
C ALA A 128 -3.09 -18.87 0.69
N ALA A 129 -2.66 -20.10 0.72
CA ALA A 129 -1.56 -20.57 1.58
C ALA A 129 -0.28 -19.85 1.20
N TYR A 130 0.11 -19.78 -0.06
CA TYR A 130 1.32 -19.05 -0.51
C TYR A 130 1.29 -17.55 -0.23
N GLN A 131 0.16 -16.86 -0.28
CA GLN A 131 0.06 -15.43 0.05
C GLN A 131 0.42 -15.16 1.49
N LYS A 132 -0.07 -16.02 2.37
CA LYS A 132 0.21 -15.94 3.82
C LYS A 132 1.70 -16.08 4.07
N VAL A 133 2.34 -16.96 3.30
CA VAL A 133 3.77 -17.22 3.44
C VAL A 133 4.60 -16.03 2.94
N VAL A 134 4.31 -15.56 1.73
CA VAL A 134 5.12 -14.45 1.17
C VAL A 134 4.93 -13.21 2.01
N ALA A 135 3.72 -13.03 2.55
CA ALA A 135 3.46 -11.87 3.40
C ALA A 135 4.21 -11.97 4.73
N GLY A 136 4.36 -13.18 5.24
CA GLY A 136 5.04 -13.56 6.46
C GLY A 136 6.55 -13.38 6.33
N VAL A 137 7.10 -13.77 5.20
CA VAL A 137 8.49 -13.57 4.85
C VAL A 137 8.81 -12.06 4.73
N ALA A 138 7.93 -11.34 4.05
CA ALA A 138 8.15 -9.87 3.88
C ALA A 138 8.14 -9.15 5.20
N ASN A 139 7.23 -9.52 6.09
CA ASN A 139 7.14 -8.89 7.41
C ASN A 139 8.37 -9.22 8.26
N ALA A 140 8.89 -10.43 8.10
CA ALA A 140 10.07 -10.98 8.78
C ALA A 140 11.31 -10.20 8.28
N LEU A 141 11.44 -10.07 6.97
CA LEU A 141 12.53 -9.26 6.43
C LEU A 141 12.46 -7.76 6.79
N ALA A 142 11.32 -7.12 7.01
CA ALA A 142 11.17 -5.69 7.29
C ALA A 142 11.16 -5.33 8.76
N HIS A 143 11.31 -6.32 9.55
CA HIS A 143 11.24 -6.34 11.00
C HIS A 143 12.12 -5.39 11.73
N LYS A 144 13.33 -5.15 11.23
CA LYS A 144 14.28 -4.21 11.82
C LYS A 144 13.74 -2.79 11.78
N TYR A 145 12.79 -2.59 10.88
CA TYR A 145 12.14 -1.30 10.64
C TYR A 145 11.02 -1.03 11.67
N HIS A 146 10.58 -2.07 12.31
CA HIS A 146 9.46 -2.09 13.24
C HIS A 146 9.85 -1.88 14.69
N VAL B 1 7.27 -4.49 18.21
CA VAL B 1 7.81 -3.12 18.19
C VAL B 1 9.14 -3.02 18.99
N HIS B 2 10.08 -2.36 18.34
CA HIS B 2 11.40 -2.04 18.82
C HIS B 2 11.49 -0.52 19.12
N LEU B 3 11.39 -0.28 20.39
CA LEU B 3 11.50 1.05 20.97
C LEU B 3 12.73 1.09 21.89
N THR B 4 13.50 2.14 21.67
CA THR B 4 14.64 2.42 22.55
C THR B 4 13.97 3.03 23.78
N PRO B 5 14.58 2.90 24.91
CA PRO B 5 14.03 3.42 26.18
C PRO B 5 13.77 4.92 26.12
N GLU B 6 14.61 5.58 25.33
CA GLU B 6 14.51 7.03 25.05
C GLU B 6 13.18 7.19 24.29
N GLU B 7 12.93 6.23 23.40
CA GLU B 7 11.70 6.26 22.62
C GLU B 7 10.54 5.83 23.51
N LYS B 8 10.70 4.77 24.26
CA LYS B 8 9.59 4.27 25.11
C LYS B 8 9.08 5.41 25.98
N SER B 9 10.03 6.13 26.52
CA SER B 9 9.82 7.25 27.43
C SER B 9 9.15 8.46 26.83
N ALA B 10 9.50 8.84 25.63
CA ALA B 10 8.99 10.03 24.92
C ALA B 10 7.54 9.82 24.53
N VAL B 11 7.25 8.56 24.30
CA VAL B 11 5.93 8.06 23.87
C VAL B 11 4.96 8.11 25.05
N THR B 12 5.48 7.49 26.09
CA THR B 12 4.81 7.37 27.40
C THR B 12 4.52 8.74 27.93
N ALA B 13 5.59 9.52 28.02
CA ALA B 13 5.40 10.90 28.48
C ALA B 13 4.26 11.60 27.77
N LEU B 14 4.32 11.66 26.45
CA LEU B 14 3.31 12.41 25.70
C LEU B 14 1.91 11.82 25.80
N TRP B 15 1.80 10.49 25.78
CA TRP B 15 0.45 9.89 25.81
C TRP B 15 -0.20 10.31 27.13
N GLY B 16 0.68 10.58 28.07
CA GLY B 16 0.24 11.04 29.36
C GLY B 16 -0.50 12.37 29.23
N LYS B 17 -0.26 13.20 28.23
CA LYS B 17 -1.01 14.47 28.18
C LYS B 17 -2.16 14.41 27.21
N VAL B 18 -2.40 13.22 26.70
CA VAL B 18 -3.48 13.07 25.70
C VAL B 18 -4.81 13.04 26.46
N ASN B 19 -5.80 13.59 25.86
CA ASN B 19 -7.22 13.60 26.25
C ASN B 19 -7.83 12.47 25.39
N VAL B 20 -7.64 11.26 25.84
CA VAL B 20 -8.05 10.07 25.07
C VAL B 20 -9.40 10.28 24.42
N ASP B 21 -10.33 10.58 25.30
CA ASP B 21 -11.72 10.81 24.96
C ASP B 21 -11.79 11.55 23.61
N GLU B 22 -11.37 12.81 23.69
CA GLU B 22 -11.34 13.80 22.66
C GLU B 22 -10.56 13.40 21.41
N VAL B 23 -9.31 13.01 21.67
CA VAL B 23 -8.46 12.61 20.54
C VAL B 23 -9.14 11.45 19.83
N GLY B 24 -9.79 10.58 20.58
CA GLY B 24 -10.50 9.40 20.05
C GLY B 24 -11.56 9.79 19.05
N GLY B 25 -12.40 10.74 19.39
CA GLY B 25 -13.51 11.25 18.57
C GLY B 25 -13.00 11.98 17.35
N GLU B 26 -11.88 12.66 17.58
CA GLU B 26 -11.24 13.47 16.53
C GLU B 26 -10.68 12.55 15.44
N ALA B 27 -9.88 11.59 15.86
CA ALA B 27 -9.23 10.61 14.99
C ALA B 27 -10.27 9.80 14.22
N LEU B 28 -11.29 9.24 14.89
CA LEU B 28 -12.30 8.47 14.20
C LEU B 28 -13.07 9.28 13.20
N GLY B 29 -13.46 10.49 13.59
CA GLY B 29 -14.21 11.40 12.74
C GLY B 29 -13.48 11.76 11.46
N ARG B 30 -12.19 12.07 11.60
CA ARG B 30 -11.28 12.44 10.51
C ARG B 30 -11.07 11.28 9.56
N LEU B 31 -11.05 10.04 10.08
CA LEU B 31 -10.93 8.88 9.21
C LEU B 31 -12.09 8.83 8.24
N LEU B 32 -13.28 8.96 8.78
CA LEU B 32 -14.51 8.83 8.00
C LEU B 32 -14.65 9.94 6.99
N VAL B 33 -14.16 11.09 7.32
CA VAL B 33 -14.20 12.30 6.47
C VAL B 33 -13.18 12.16 5.36
N VAL B 34 -11.96 11.87 5.69
CA VAL B 34 -10.81 11.76 4.79
C VAL B 34 -10.82 10.52 3.92
N TYR B 35 -11.24 9.39 4.45
CA TYR B 35 -11.27 8.08 3.74
C TYR B 35 -12.68 7.52 3.83
N PRO B 36 -13.51 8.12 2.98
CA PRO B 36 -14.94 7.93 2.99
C PRO B 36 -15.48 6.55 2.83
N TRP B 37 -14.72 5.67 2.24
CA TRP B 37 -15.17 4.27 2.09
C TRP B 37 -15.25 3.62 3.46
N THR B 38 -14.56 4.16 4.45
CA THR B 38 -14.60 3.59 5.79
C THR B 38 -15.98 3.81 6.43
N GLN B 39 -16.80 4.65 5.85
CA GLN B 39 -18.15 4.93 6.41
C GLN B 39 -18.98 3.65 6.36
N ARG B 40 -18.67 2.79 5.43
CA ARG B 40 -19.43 1.49 5.27
C ARG B 40 -19.47 0.71 6.56
N PHE B 41 -18.44 0.78 7.37
CA PHE B 41 -18.45 0.03 8.63
C PHE B 41 -19.36 0.63 9.70
N PHE B 42 -19.79 1.85 9.56
CA PHE B 42 -20.55 2.61 10.58
C PHE B 42 -21.84 3.24 10.08
N GLU B 43 -22.48 2.60 9.15
CA GLU B 43 -23.72 3.04 8.52
C GLU B 43 -24.91 3.16 9.47
N SER B 44 -24.87 2.35 10.52
CA SER B 44 -25.79 2.23 11.63
C SER B 44 -25.64 3.31 12.71
N PHE B 45 -24.68 4.21 12.54
CA PHE B 45 -24.32 5.28 13.47
C PHE B 45 -25.11 6.57 13.25
N GLY B 46 -25.81 6.60 12.15
CA GLY B 46 -26.61 7.76 11.80
C GLY B 46 -26.15 8.40 10.50
N ASP B 47 -26.18 9.73 10.53
CA ASP B 47 -25.82 10.61 9.40
C ASP B 47 -24.30 10.84 9.42
N LEU B 48 -23.71 10.52 8.29
CA LEU B 48 -22.26 10.63 8.08
C LEU B 48 -22.03 11.27 6.70
N SER B 49 -23.14 11.68 6.13
CA SER B 49 -23.24 12.25 4.80
C SER B 49 -22.54 13.59 4.60
N THR B 50 -22.25 14.30 5.66
CA THR B 50 -21.53 15.58 5.57
C THR B 50 -20.49 15.52 6.68
N PRO B 51 -19.40 16.23 6.45
CA PRO B 51 -18.32 16.29 7.41
C PRO B 51 -18.80 16.79 8.75
N ASP B 52 -19.87 17.60 8.62
CA ASP B 52 -20.44 18.23 9.84
C ASP B 52 -21.26 17.16 10.56
N ALA B 53 -21.93 16.40 9.72
CA ALA B 53 -22.76 15.26 10.18
C ALA B 53 -21.85 14.33 10.97
N VAL B 54 -20.72 13.94 10.37
CA VAL B 54 -19.74 13.04 10.98
C VAL B 54 -19.13 13.52 12.28
N MET B 55 -18.59 14.74 12.22
CA MET B 55 -17.88 15.29 13.39
C MET B 55 -18.83 15.50 14.57
N GLY B 56 -20.09 15.74 14.25
CA GLY B 56 -21.15 15.96 15.22
C GLY B 56 -21.70 14.67 15.85
N ASN B 57 -21.73 13.57 15.13
CA ASN B 57 -22.24 12.26 15.60
C ASN B 57 -21.72 11.83 16.94
N PRO B 58 -22.58 11.69 17.94
CA PRO B 58 -22.19 11.30 19.29
C PRO B 58 -21.81 9.82 19.40
N LYS B 59 -22.28 9.06 18.43
CA LYS B 59 -21.94 7.63 18.29
C LYS B 59 -20.46 7.59 17.80
N VAL B 60 -20.09 8.47 16.86
CA VAL B 60 -18.68 8.57 16.40
C VAL B 60 -17.78 8.92 17.57
N LYS B 61 -18.15 9.96 18.30
CA LYS B 61 -17.35 10.35 19.48
C LYS B 61 -17.21 9.20 20.47
N ALA B 62 -18.33 8.65 20.94
CA ALA B 62 -18.31 7.56 21.89
C ALA B 62 -17.40 6.42 21.43
N HIS B 63 -17.59 6.03 20.17
CA HIS B 63 -16.83 4.91 19.58
C HIS B 63 -15.33 5.19 19.53
N GLY B 64 -14.95 6.37 19.05
CA GLY B 64 -13.52 6.72 18.97
C GLY B 64 -12.93 6.66 20.36
N LYS B 65 -13.80 6.91 21.35
CA LYS B 65 -13.28 6.87 22.71
C LYS B 65 -12.90 5.43 23.06
N LYS B 66 -13.70 4.48 22.64
CA LYS B 66 -13.52 3.03 22.84
C LYS B 66 -12.26 2.55 22.12
N VAL B 67 -12.09 3.06 20.90
CA VAL B 67 -10.95 2.76 20.03
C VAL B 67 -9.62 3.15 20.68
N LEU B 68 -9.53 4.34 21.19
CA LEU B 68 -8.32 4.89 21.83
C LEU B 68 -7.99 4.24 23.15
N GLY B 69 -9.06 3.80 23.82
CA GLY B 69 -8.88 3.14 25.14
C GLY B 69 -8.11 1.84 24.92
N ALA B 70 -8.46 1.13 23.86
CA ALA B 70 -7.81 -0.12 23.46
C ALA B 70 -6.36 0.20 23.10
N PHE B 71 -6.16 1.34 22.44
CA PHE B 71 -4.87 1.89 22.04
C PHE B 71 -4.01 2.13 23.27
N SER B 72 -4.59 2.83 24.21
CA SER B 72 -3.88 3.11 25.48
C SER B 72 -3.34 1.79 26.05
N ASP B 73 -4.19 0.78 25.92
CA ASP B 73 -3.82 -0.57 26.41
C ASP B 73 -2.71 -1.19 25.63
N GLY B 74 -2.65 -1.01 24.32
CA GLY B 74 -1.54 -1.60 23.56
C GLY B 74 -0.23 -0.92 23.95
N LEU B 75 -0.28 0.37 24.27
CA LEU B 75 0.88 1.19 24.65
C LEU B 75 1.52 0.71 25.95
N ALA B 76 0.66 0.23 26.84
CA ALA B 76 1.12 -0.26 28.15
C ALA B 76 1.63 -1.69 28.08
N HIS B 77 1.36 -2.33 26.98
CA HIS B 77 1.71 -3.75 26.81
C HIS B 77 2.39 -3.96 25.48
N LEU B 78 3.38 -3.11 25.24
CA LEU B 78 4.16 -3.10 24.00
C LEU B 78 4.85 -4.40 23.67
N ASP B 79 5.17 -5.25 24.61
CA ASP B 79 5.84 -6.55 24.43
C ASP B 79 4.84 -7.71 24.26
N ASN B 80 3.56 -7.39 24.41
CA ASN B 80 2.47 -8.38 24.28
C ASN B 80 1.30 -7.83 23.49
N LEU B 81 1.54 -7.31 22.28
CA LEU B 81 0.41 -6.75 21.53
C LEU B 81 -0.44 -7.84 20.93
N LYS B 82 0.20 -8.90 20.47
CA LYS B 82 -0.61 -9.98 19.87
C LYS B 82 -1.54 -10.54 20.95
N GLY B 83 -1.06 -10.76 22.16
CA GLY B 83 -1.90 -11.29 23.23
C GLY B 83 -2.93 -10.25 23.67
N THR B 84 -2.45 -9.03 23.86
CA THR B 84 -3.33 -7.94 24.26
C THR B 84 -4.49 -7.78 23.31
N PHE B 85 -4.33 -7.94 22.02
CA PHE B 85 -5.35 -7.70 21.00
C PHE B 85 -6.00 -8.93 20.44
N ALA B 86 -5.70 -10.05 21.04
CA ALA B 86 -6.13 -11.42 20.81
C ALA B 86 -7.60 -11.41 20.36
N THR B 87 -8.37 -10.97 21.31
CA THR B 87 -9.83 -10.87 21.31
C THR B 87 -10.36 -9.86 20.32
N LEU B 88 -9.72 -8.68 20.25
CA LEU B 88 -10.12 -7.65 19.29
C LEU B 88 -9.82 -8.10 17.87
N SER B 89 -8.73 -8.84 17.70
CA SER B 89 -8.38 -9.30 16.35
C SER B 89 -9.45 -10.22 15.80
N GLU B 90 -9.96 -11.17 16.58
CA GLU B 90 -10.97 -12.12 16.14
C GLU B 90 -12.23 -11.40 15.74
N LEU B 91 -12.60 -10.44 16.57
CA LEU B 91 -13.78 -9.61 16.28
C LEU B 91 -13.64 -8.93 14.91
N HIS B 92 -12.56 -8.15 14.81
CA HIS B 92 -12.30 -7.39 13.56
C HIS B 92 -12.10 -8.26 12.34
N CYS B 93 -11.42 -9.40 12.45
CA CYS B 93 -11.10 -10.19 11.27
C CYS B 93 -12.20 -11.15 10.89
N ASP B 94 -12.68 -11.82 11.93
CA ASP B 94 -13.67 -12.89 11.73
C ASP B 94 -15.07 -12.35 11.58
N LYS B 95 -15.44 -11.36 12.35
CA LYS B 95 -16.84 -10.88 12.28
C LYS B 95 -17.03 -9.64 11.47
N LEU B 96 -16.21 -8.64 11.73
CA LEU B 96 -16.39 -7.37 11.01
C LEU B 96 -15.78 -7.40 9.62
N HIS B 97 -14.72 -8.20 9.45
CA HIS B 97 -14.00 -8.29 8.18
C HIS B 97 -13.40 -6.90 7.84
N VAL B 98 -12.76 -6.26 8.80
CA VAL B 98 -12.13 -4.93 8.54
C VAL B 98 -10.88 -5.18 7.71
N ASP B 99 -10.71 -4.58 6.54
CA ASP B 99 -9.49 -4.74 5.70
C ASP B 99 -8.28 -4.29 6.50
N PRO B 100 -7.17 -5.03 6.40
CA PRO B 100 -5.97 -4.60 7.09
C PRO B 100 -5.55 -3.18 6.71
N GLU B 101 -5.70 -2.68 5.51
CA GLU B 101 -5.31 -1.32 5.14
C GLU B 101 -5.94 -0.25 5.99
N ASN B 102 -7.16 -0.55 6.44
CA ASN B 102 -7.91 0.41 7.28
C ASN B 102 -7.28 0.64 8.62
N PHE B 103 -6.64 -0.39 9.17
CA PHE B 103 -5.93 -0.22 10.46
C PHE B 103 -4.77 0.78 10.29
N ARG B 104 -4.12 0.69 9.14
CA ARG B 104 -3.00 1.55 8.74
C ARG B 104 -3.51 2.97 8.50
N LEU B 105 -4.68 3.18 7.90
CA LEU B 105 -5.11 4.56 7.71
C LEU B 105 -5.43 5.21 9.04
N LEU B 106 -6.06 4.42 9.91
CA LEU B 106 -6.42 4.99 11.22
C LEU B 106 -5.12 5.38 11.96
N GLY B 107 -4.11 4.54 11.89
CA GLY B 107 -2.80 4.86 12.52
C GLY B 107 -2.28 6.18 11.99
N ASN B 108 -2.38 6.33 10.67
CA ASN B 108 -2.01 7.57 9.99
C ASN B 108 -2.82 8.77 10.52
N VAL B 109 -4.13 8.69 10.56
CA VAL B 109 -4.96 9.78 11.05
C VAL B 109 -4.63 10.09 12.48
N LEU B 110 -4.38 9.03 13.26
CA LEU B 110 -4.04 9.24 14.65
C LEU B 110 -2.73 10.00 14.79
N VAL B 111 -1.70 9.73 14.02
CA VAL B 111 -0.39 10.47 14.12
C VAL B 111 -0.59 11.92 13.80
N CYS B 112 -1.46 12.24 12.86
CA CYS B 112 -1.80 13.58 12.44
C CYS B 112 -2.56 14.36 13.52
N VAL B 113 -3.44 13.65 14.24
CA VAL B 113 -4.19 14.24 15.35
C VAL B 113 -3.23 14.57 16.49
N LEU B 114 -2.27 13.74 16.83
CA LEU B 114 -1.29 14.04 17.86
C LEU B 114 -0.38 15.18 17.43
N ALA B 115 -0.08 15.31 16.15
CA ALA B 115 0.79 16.42 15.64
C ALA B 115 0.03 17.74 15.90
N HIS B 116 -1.17 17.73 15.38
CA HIS B 116 -2.19 18.79 15.42
C HIS B 116 -2.41 19.34 16.81
N HIS B 117 -2.36 18.49 17.81
CA HIS B 117 -2.52 18.70 19.21
C HIS B 117 -1.26 19.08 19.95
N PHE B 118 -0.14 18.48 19.58
CA PHE B 118 1.12 18.74 20.34
C PHE B 118 2.01 19.76 19.69
N GLY B 119 1.66 20.05 18.46
CA GLY B 119 2.41 21.07 17.66
C GLY B 119 3.90 20.72 17.89
N LYS B 120 4.56 21.67 18.52
CA LYS B 120 5.97 21.71 18.87
C LYS B 120 6.57 20.57 19.65
N GLU B 121 5.85 19.95 20.56
CA GLU B 121 6.46 18.82 21.30
C GLU B 121 6.45 17.55 20.47
N PHE B 122 5.83 17.68 19.29
CA PHE B 122 5.73 16.53 18.37
C PHE B 122 6.95 16.56 17.43
N THR B 123 8.10 16.23 17.95
CA THR B 123 9.36 16.24 17.23
C THR B 123 9.55 15.03 16.31
N PRO B 124 10.54 15.08 15.42
CA PRO B 124 10.77 13.98 14.45
C PRO B 124 10.91 12.63 15.09
N PRO B 125 11.75 12.52 16.11
CA PRO B 125 11.96 11.23 16.80
C PRO B 125 10.69 10.78 17.52
N VAL B 126 9.89 11.70 18.01
CA VAL B 126 8.60 11.30 18.64
C VAL B 126 7.69 10.71 17.56
N GLN B 127 7.66 11.48 16.47
CA GLN B 127 6.86 11.03 15.30
C GLN B 127 7.33 9.65 14.88
N ALA B 128 8.65 9.49 14.79
CA ALA B 128 9.21 8.21 14.37
C ALA B 128 8.75 7.10 15.31
N ALA B 129 8.74 7.37 16.59
CA ALA B 129 8.32 6.43 17.65
C ALA B 129 6.83 6.05 17.54
N TYR B 130 5.98 7.08 17.46
CA TYR B 130 4.54 6.85 17.31
C TYR B 130 4.22 6.05 16.06
N GLN B 131 4.91 6.37 15.00
CA GLN B 131 4.82 5.65 13.74
C GLN B 131 5.10 4.18 13.97
N LYS B 132 6.09 3.80 14.77
CA LYS B 132 6.35 2.38 15.04
C LYS B 132 5.22 1.69 15.82
N VAL B 133 4.67 2.38 16.78
CA VAL B 133 3.60 1.86 17.63
C VAL B 133 2.32 1.56 16.84
N VAL B 134 1.90 2.55 16.10
CA VAL B 134 0.68 2.53 15.23
C VAL B 134 0.78 1.38 14.28
N ALA B 135 1.97 1.15 13.72
CA ALA B 135 2.18 0.01 12.82
C ALA B 135 2.08 -1.31 13.61
N GLY B 136 2.64 -1.33 14.79
CA GLY B 136 2.62 -2.52 15.64
C GLY B 136 1.17 -2.87 15.98
N VAL B 137 0.39 -1.88 16.34
CA VAL B 137 -1.04 -2.14 16.69
C VAL B 137 -1.81 -2.66 15.49
N ALA B 138 -1.59 -2.03 14.34
CA ALA B 138 -2.35 -2.45 13.13
C ALA B 138 -2.08 -3.92 12.80
N ASN B 139 -0.81 -4.29 12.97
CA ASN B 139 -0.31 -5.63 12.75
C ASN B 139 -0.93 -6.68 13.71
N ALA B 140 -1.01 -6.27 14.93
CA ALA B 140 -1.60 -7.07 16.03
C ALA B 140 -3.09 -7.23 15.77
N LEU B 141 -3.81 -6.16 15.35
CA LEU B 141 -5.23 -6.29 15.02
C LEU B 141 -5.54 -7.18 13.82
N ALA B 142 -4.69 -7.21 12.81
CA ALA B 142 -4.85 -7.96 11.57
C ALA B 142 -4.28 -9.37 11.58
N HIS B 143 -3.78 -9.75 12.72
CA HIS B 143 -3.13 -10.98 13.03
C HIS B 143 -3.94 -12.20 12.65
N LYS B 144 -5.26 -12.13 12.85
CA LYS B 144 -6.14 -13.25 12.51
C LYS B 144 -6.14 -13.50 11.01
N TYR B 145 -5.70 -12.52 10.25
CA TYR B 145 -5.66 -12.68 8.80
C TYR B 145 -4.34 -13.32 8.35
N HIS B 146 -3.35 -13.28 9.22
CA HIS B 146 -1.98 -13.75 8.89
C HIS B 146 -1.77 -15.25 8.93
N VAL C 1 -7.13 15.56 -9.59
CA VAL C 1 -7.77 16.32 -8.53
C VAL C 1 -9.02 17.08 -9.01
N HIS C 2 -10.05 16.96 -8.18
CA HIS C 2 -11.34 17.61 -8.26
C HIS C 2 -11.74 18.10 -6.85
N LEU C 3 -11.52 19.40 -6.71
CA LEU C 3 -11.89 20.12 -5.49
C LEU C 3 -13.13 20.96 -5.89
N THR C 4 -13.94 21.12 -4.90
CA THR C 4 -15.15 21.97 -5.02
C THR C 4 -14.61 23.40 -4.77
N PRO C 5 -15.27 24.45 -5.22
CA PRO C 5 -14.79 25.83 -5.02
C PRO C 5 -14.41 26.07 -3.58
N GLU C 6 -15.15 25.40 -2.74
CA GLU C 6 -14.99 25.53 -1.30
C GLU C 6 -13.76 24.84 -0.75
N GLU C 7 -13.42 23.72 -1.34
CA GLU C 7 -12.21 22.94 -0.98
C GLU C 7 -10.98 23.68 -1.52
N LYS C 8 -11.10 24.06 -2.76
CA LYS C 8 -10.00 24.84 -3.42
C LYS C 8 -9.66 26.09 -2.63
N SER C 9 -10.69 26.87 -2.30
CA SER C 9 -10.58 28.12 -1.56
C SER C 9 -9.94 27.90 -0.20
N ALA C 10 -10.34 26.83 0.45
CA ALA C 10 -9.79 26.43 1.75
C ALA C 10 -8.29 26.08 1.61
N VAL C 11 -8.02 25.28 0.59
CA VAL C 11 -6.68 24.83 0.26
C VAL C 11 -5.74 25.99 -0.06
N THR C 12 -6.16 26.85 -0.99
CA THR C 12 -5.23 27.93 -1.39
C THR C 12 -5.06 28.96 -0.28
N ALA C 13 -6.09 29.07 0.55
CA ALA C 13 -6.08 30.01 1.67
C ALA C 13 -5.08 29.66 2.75
N LEU C 14 -5.00 28.36 3.05
CA LEU C 14 -4.07 27.94 4.09
C LEU C 14 -2.66 27.95 3.52
N TRP C 15 -2.56 27.57 2.26
CA TRP C 15 -1.22 27.50 1.66
C TRP C 15 -0.51 28.84 1.70
N GLY C 16 -1.28 29.91 1.59
CA GLY C 16 -0.77 31.29 1.63
C GLY C 16 -0.13 31.63 2.97
N LYS C 17 -0.40 30.87 4.01
CA LYS C 17 0.25 31.19 5.30
C LYS C 17 1.51 30.42 5.52
N VAL C 18 1.77 29.52 4.58
CA VAL C 18 2.88 28.60 4.65
C VAL C 18 4.21 29.23 4.36
N ASN C 19 5.15 29.00 5.24
CA ASN C 19 6.56 29.43 5.04
C ASN C 19 7.24 28.23 4.34
N VAL C 20 7.18 28.20 3.02
CA VAL C 20 7.71 27.03 2.28
C VAL C 20 9.18 26.75 2.54
N ASP C 21 9.92 27.82 2.77
CA ASP C 21 11.37 27.76 3.02
C ASP C 21 11.60 26.82 4.22
N GLU C 22 10.71 26.91 5.15
CA GLU C 22 10.64 26.23 6.44
C GLU C 22 9.92 24.87 6.38
N VAL C 23 8.72 24.84 5.85
CA VAL C 23 7.95 23.59 5.74
C VAL C 23 8.67 22.59 4.85
N GLY C 24 9.36 23.05 3.81
CA GLY C 24 10.06 22.16 2.89
C GLY C 24 11.09 21.29 3.60
N GLY C 25 11.92 21.92 4.41
CA GLY C 25 12.95 21.27 5.16
C GLY C 25 12.43 20.34 6.22
N GLU C 26 11.35 20.72 6.88
CA GLU C 26 10.74 19.89 7.93
C GLU C 26 10.11 18.62 7.36
N ALA C 27 9.43 18.78 6.23
CA ALA C 27 8.75 17.64 5.55
C ALA C 27 9.76 16.62 5.05
N LEU C 28 10.78 17.06 4.33
CA LEU C 28 11.84 16.16 3.83
C LEU C 28 12.65 15.55 4.97
N GLY C 29 13.03 16.34 5.98
CA GLY C 29 13.82 15.79 7.12
C GLY C 29 12.91 14.79 7.84
N ARG C 30 11.63 15.09 8.13
CA ARG C 30 10.75 14.09 8.80
C ARG C 30 10.58 12.82 7.96
N LEU C 31 10.56 12.94 6.63
CA LEU C 31 10.48 11.73 5.79
C LEU C 31 11.67 10.81 6.09
N LEU C 32 12.86 11.40 6.12
CA LEU C 32 14.13 10.66 6.30
C LEU C 32 14.26 10.00 7.66
N VAL C 33 13.69 10.65 8.64
CA VAL C 33 13.72 10.17 10.03
C VAL C 33 12.65 9.10 10.22
N VAL C 34 11.45 9.35 9.77
CA VAL C 34 10.36 8.39 9.99
C VAL C 34 10.40 7.18 9.11
N TYR C 35 10.83 7.35 7.88
CA TYR C 35 10.82 6.15 6.95
C TYR C 35 12.23 6.05 6.44
N PRO C 36 13.09 5.47 7.27
CA PRO C 36 14.53 5.51 7.02
C PRO C 36 15.06 4.94 5.74
N TRP C 37 14.33 4.11 5.06
CA TRP C 37 14.84 3.56 3.77
C TRP C 37 14.95 4.69 2.76
N THR C 38 14.23 5.78 2.92
CA THR C 38 14.27 6.89 1.97
C THR C 38 15.62 7.58 1.98
N GLN C 39 16.43 7.36 3.00
CA GLN C 39 17.76 8.00 3.09
C GLN C 39 18.63 7.59 1.91
N ARG C 40 18.42 6.38 1.41
CA ARG C 40 19.16 5.89 0.26
C ARG C 40 19.13 6.79 -0.94
N PHE C 41 18.10 7.54 -1.25
CA PHE C 41 18.13 8.46 -2.42
C PHE C 41 19.03 9.70 -2.20
N PHE C 42 19.42 9.95 -0.98
CA PHE C 42 20.16 11.12 -0.57
C PHE C 42 21.48 10.77 0.13
N GLU C 43 22.00 9.58 -0.10
CA GLU C 43 23.24 9.13 0.54
C GLU C 43 24.44 10.04 0.31
N SER C 44 24.44 10.84 -0.75
CA SER C 44 25.54 11.81 -0.98
C SER C 44 25.33 13.12 -0.23
N PHE C 45 24.32 13.28 0.63
CA PHE C 45 24.09 14.59 1.29
C PHE C 45 24.91 14.71 2.56
N GLY C 46 25.60 13.67 2.92
CA GLY C 46 26.42 13.71 4.14
C GLY C 46 25.90 12.85 5.23
N ASP C 47 26.06 13.35 6.44
CA ASP C 47 25.65 12.62 7.66
C ASP C 47 24.12 12.68 7.83
N LEU C 48 23.54 11.47 7.75
CA LEU C 48 22.09 11.31 7.94
C LEU C 48 21.87 10.29 9.08
N SER C 49 22.89 10.14 9.90
CA SER C 49 22.92 9.20 11.00
C SER C 49 21.98 9.44 12.17
N THR C 50 21.75 10.64 12.62
CA THR C 50 20.83 10.89 13.74
C THR C 50 19.72 11.83 13.29
N PRO C 51 18.65 11.95 14.05
CA PRO C 51 17.55 12.87 13.74
C PRO C 51 18.07 14.28 13.59
N ASP C 52 19.03 14.68 14.39
CA ASP C 52 19.65 16.02 14.34
C ASP C 52 20.47 16.18 13.06
N ALA C 53 21.19 15.14 12.77
CA ALA C 53 22.03 15.04 11.57
C ALA C 53 21.15 15.36 10.37
N VAL C 54 20.02 14.68 10.27
CA VAL C 54 19.03 14.88 9.21
C VAL C 54 18.40 16.28 9.21
N MET C 55 17.70 16.61 10.27
CA MET C 55 16.93 17.86 10.37
C MET C 55 17.72 19.12 10.08
N GLY C 56 18.89 19.30 10.66
CA GLY C 56 19.68 20.51 10.36
C GLY C 56 20.60 20.41 9.15
N ASN C 57 20.68 19.26 8.49
CA ASN C 57 21.54 19.09 7.28
C ASN C 57 21.17 20.14 6.24
N PRO C 58 22.16 20.93 5.83
CA PRO C 58 21.95 22.05 4.90
C PRO C 58 21.45 21.62 3.55
N LYS C 59 21.87 20.47 3.09
CA LYS C 59 21.45 19.92 1.79
C LYS C 59 20.00 19.43 1.87
N VAL C 60 19.63 18.92 3.04
CA VAL C 60 18.26 18.46 3.31
C VAL C 60 17.32 19.66 3.26
N LYS C 61 17.74 20.69 3.99
CA LYS C 61 16.96 21.93 4.04
C LYS C 61 16.78 22.57 2.67
N ALA C 62 17.90 22.65 1.94
CA ALA C 62 17.91 23.30 0.64
C ALA C 62 17.02 22.50 -0.31
N HIS C 63 17.15 21.19 -0.25
CA HIS C 63 16.38 20.35 -1.19
C HIS C 63 14.90 20.44 -0.93
N GLY C 64 14.56 20.46 0.37
CA GLY C 64 13.12 20.54 0.79
C GLY C 64 12.48 21.82 0.29
N LYS C 65 13.20 22.92 0.20
CA LYS C 65 12.63 24.18 -0.34
C LYS C 65 12.38 23.98 -1.83
N LYS C 66 13.24 23.25 -2.51
CA LYS C 66 13.06 22.97 -3.92
C LYS C 66 11.77 22.13 -4.15
N VAL C 67 11.71 21.01 -3.44
CA VAL C 67 10.53 20.09 -3.54
C VAL C 67 9.25 20.89 -3.31
N LEU C 68 9.25 21.71 -2.26
CA LEU C 68 8.09 22.50 -1.87
C LEU C 68 7.73 23.58 -2.87
N GLY C 69 8.74 24.12 -3.54
CA GLY C 69 8.51 25.12 -4.60
C GLY C 69 7.72 24.42 -5.71
N ALA C 70 8.13 23.22 -6.07
CA ALA C 70 7.46 22.47 -7.14
C ALA C 70 6.03 22.17 -6.75
N PHE C 71 5.87 21.83 -5.48
CA PHE C 71 4.53 21.58 -4.94
C PHE C 71 3.60 22.79 -5.05
N SER C 72 4.09 23.98 -4.71
CA SER C 72 3.27 25.20 -4.80
C SER C 72 2.76 25.45 -6.20
N ASP C 73 3.62 25.14 -7.12
CA ASP C 73 3.36 25.27 -8.57
C ASP C 73 2.35 24.24 -8.98
N GLY C 74 2.37 23.03 -8.46
CA GLY C 74 1.29 22.04 -8.72
C GLY C 74 -0.03 22.63 -8.19
N LEU C 75 -0.06 23.27 -7.05
CA LEU C 75 -1.23 23.84 -6.41
C LEU C 75 -1.89 24.93 -7.28
N ALA C 76 -1.10 25.62 -8.08
CA ALA C 76 -1.61 26.69 -8.94
C ALA C 76 -2.12 26.20 -10.27
N HIS C 77 -1.84 24.97 -10.59
CA HIS C 77 -2.12 24.28 -11.83
C HIS C 77 -2.79 22.96 -11.58
N LEU C 78 -3.78 23.02 -10.69
CA LEU C 78 -4.52 21.77 -10.32
C LEU C 78 -5.17 21.11 -11.50
N ASP C 79 -5.45 21.85 -12.53
CA ASP C 79 -6.08 21.46 -13.78
C ASP C 79 -5.13 20.80 -14.76
N ASN C 80 -3.83 20.87 -14.52
CA ASN C 80 -2.86 20.26 -15.45
C ASN C 80 -1.64 19.77 -14.72
N LEU C 81 -1.83 18.94 -13.70
CA LEU C 81 -0.66 18.47 -12.92
C LEU C 81 0.28 17.62 -13.75
N LYS C 82 -0.39 16.85 -14.61
CA LYS C 82 0.40 15.93 -15.46
C LYS C 82 1.33 16.75 -16.33
N GLY C 83 0.78 17.82 -16.89
CA GLY C 83 1.52 18.74 -17.77
C GLY C 83 2.62 19.47 -17.00
N THR C 84 2.20 20.10 -15.94
CA THR C 84 3.08 20.83 -15.04
C THR C 84 4.25 19.99 -14.54
N PHE C 85 4.04 18.70 -14.28
CA PHE C 85 5.09 17.83 -13.73
C PHE C 85 5.75 16.93 -14.76
N ALA C 86 5.45 17.24 -16.00
CA ALA C 86 5.94 16.42 -17.13
C ALA C 86 7.41 16.10 -17.04
N THR C 87 8.25 17.12 -16.88
CA THR C 87 9.70 16.93 -16.84
C THR C 87 10.20 16.40 -15.51
N LEU C 88 9.50 16.79 -14.44
CA LEU C 88 9.88 16.21 -13.14
C LEU C 88 9.54 14.73 -13.14
N SER C 89 8.43 14.35 -13.77
CA SER C 89 8.10 12.90 -13.83
C SER C 89 9.18 12.14 -14.57
N GLU C 90 9.67 12.59 -15.72
CA GLU C 90 10.74 11.87 -16.43
C GLU C 90 11.97 11.76 -15.53
N LEU C 91 12.33 12.82 -14.86
CA LEU C 91 13.48 12.77 -13.97
C LEU C 91 13.34 11.70 -12.89
N HIS C 92 12.24 11.65 -12.18
CA HIS C 92 12.06 10.73 -11.03
C HIS C 92 11.89 9.27 -11.38
N CYS C 93 11.19 9.03 -12.47
CA CYS C 93 10.88 7.68 -12.93
C CYS C 93 12.03 7.05 -13.71
N ASP C 94 12.50 7.75 -14.71
CA ASP C 94 13.53 7.34 -15.65
C ASP C 94 14.93 7.46 -15.09
N LYS C 95 15.25 8.57 -14.45
CA LYS C 95 16.60 8.70 -13.93
C LYS C 95 16.80 8.28 -12.50
N LEU C 96 16.00 8.84 -11.60
CA LEU C 96 16.11 8.61 -10.18
C LEU C 96 15.58 7.27 -9.70
N HIS C 97 14.59 6.74 -10.41
CA HIS C 97 13.94 5.49 -9.99
C HIS C 97 13.29 5.60 -8.61
N VAL C 98 12.56 6.70 -8.39
CA VAL C 98 11.92 6.84 -7.06
C VAL C 98 10.68 5.93 -7.03
N ASP C 99 10.57 5.07 -6.05
CA ASP C 99 9.38 4.18 -5.90
C ASP C 99 8.14 5.04 -5.79
N PRO C 100 7.08 4.73 -6.48
CA PRO C 100 5.85 5.51 -6.31
C PRO C 100 5.36 5.59 -4.87
N GLU C 101 5.63 4.60 -4.04
CA GLU C 101 5.14 4.58 -2.67
C GLU C 101 5.77 5.72 -1.87
N ASN C 102 7.00 6.07 -2.27
CA ASN C 102 7.73 7.13 -1.55
C ASN C 102 7.06 8.47 -1.78
N PHE C 103 6.46 8.64 -2.94
CA PHE C 103 5.75 9.90 -3.18
C PHE C 103 4.53 9.93 -2.22
N ARG C 104 3.90 8.79 -2.00
CA ARG C 104 2.76 8.70 -1.09
C ARG C 104 3.22 8.99 0.32
N LEU C 105 4.36 8.44 0.75
CA LEU C 105 4.88 8.74 2.07
C LEU C 105 5.16 10.21 2.24
N LEU C 106 5.81 10.86 1.30
CA LEU C 106 6.11 12.30 1.47
C LEU C 106 4.79 13.11 1.55
N GLY C 107 3.81 12.75 0.78
CA GLY C 107 2.47 13.32 0.83
C GLY C 107 1.92 13.24 2.22
N ASN C 108 1.96 12.11 2.85
CA ASN C 108 1.44 11.93 4.21
C ASN C 108 2.28 12.72 5.22
N VAL C 109 3.59 12.82 5.02
CA VAL C 109 4.43 13.54 5.98
C VAL C 109 4.03 15.02 5.90
N LEU C 110 3.84 15.49 4.68
CA LEU C 110 3.44 16.88 4.46
C LEU C 110 2.13 17.20 5.16
N VAL C 111 1.18 16.32 5.13
CA VAL C 111 -0.14 16.49 5.77
C VAL C 111 0.03 16.64 7.26
N CYS C 112 0.81 15.77 7.85
CA CYS C 112 1.19 15.77 9.24
C CYS C 112 1.93 17.06 9.63
N VAL C 113 2.82 17.59 8.82
CA VAL C 113 3.51 18.88 9.04
C VAL C 113 2.50 20.04 9.03
N LEU C 114 1.54 20.03 8.14
CA LEU C 114 0.49 21.03 8.04
C LEU C 114 -0.38 21.01 9.31
N ALA C 115 -0.69 19.83 9.78
CA ALA C 115 -1.48 19.65 11.00
C ALA C 115 -0.72 20.27 12.16
N HIS C 116 0.55 19.94 12.20
CA HIS C 116 1.49 20.35 13.25
C HIS C 116 1.68 21.87 13.31
N HIS C 117 1.65 22.51 12.16
CA HIS C 117 1.83 23.96 12.01
C HIS C 117 0.55 24.73 12.23
N PHE C 118 -0.58 24.23 11.76
CA PHE C 118 -1.88 24.89 11.81
C PHE C 118 -2.84 24.47 12.88
N GLY C 119 -2.52 23.44 13.63
CA GLY C 119 -3.41 22.95 14.67
C GLY C 119 -4.86 22.97 14.12
N LYS C 120 -5.70 23.70 14.81
CA LYS C 120 -7.12 23.92 14.73
C LYS C 120 -7.68 24.34 13.39
N GLU C 121 -6.92 25.11 12.68
CA GLU C 121 -7.25 25.65 11.36
C GLU C 121 -7.23 24.53 10.31
N PHE C 122 -6.55 23.44 10.67
CA PHE C 122 -6.44 22.26 9.78
C PHE C 122 -7.60 21.32 10.17
N THR C 123 -8.74 21.69 9.64
CA THR C 123 -9.97 20.94 9.95
C THR C 123 -10.06 19.68 9.09
N PRO C 124 -11.00 18.81 9.46
CA PRO C 124 -11.30 17.59 8.68
C PRO C 124 -11.52 17.83 7.22
N PRO C 125 -12.36 18.75 6.75
CA PRO C 125 -12.54 18.99 5.32
C PRO C 125 -11.27 19.58 4.73
N VAL C 126 -10.50 20.34 5.51
CA VAL C 126 -9.23 20.89 4.98
C VAL C 126 -8.27 19.70 4.80
N GLN C 127 -8.20 18.82 5.81
CA GLN C 127 -7.32 17.65 5.63
C GLN C 127 -7.74 16.78 4.48
N ALA C 128 -9.06 16.57 4.35
CA ALA C 128 -9.58 15.76 3.24
C ALA C 128 -9.16 16.36 1.89
N ALA C 129 -9.23 17.68 1.78
CA ALA C 129 -8.88 18.39 0.50
C ALA C 129 -7.40 18.27 0.22
N TYR C 130 -6.56 18.41 1.22
CA TYR C 130 -5.12 18.25 1.14
C TYR C 130 -4.72 16.83 0.74
N GLN C 131 -5.40 15.84 1.30
CA GLN C 131 -5.14 14.42 0.91
C GLN C 131 -5.36 14.21 -0.58
N LYS C 132 -6.39 14.78 -1.17
CA LYS C 132 -6.73 14.69 -2.59
C LYS C 132 -5.60 15.32 -3.40
N VAL C 133 -5.11 16.48 -3.00
CA VAL C 133 -3.99 17.16 -3.72
C VAL C 133 -2.69 16.32 -3.74
N VAL C 134 -2.30 15.86 -2.58
CA VAL C 134 -1.01 15.11 -2.38
C VAL C 134 -1.06 13.81 -3.16
N ALA C 135 -2.23 13.16 -3.22
CA ALA C 135 -2.44 11.93 -3.97
C ALA C 135 -2.36 12.26 -5.46
N GLY C 136 -2.86 13.44 -5.79
CA GLY C 136 -2.92 13.97 -7.16
C GLY C 136 -1.48 14.25 -7.57
N VAL C 137 -0.72 14.88 -6.70
CA VAL C 137 0.69 15.19 -7.05
C VAL C 137 1.53 13.90 -7.24
N ALA C 138 1.39 12.97 -6.32
CA ALA C 138 2.08 11.69 -6.32
C ALA C 138 1.86 10.94 -7.63
N ASN C 139 0.61 11.03 -8.03
CA ASN C 139 0.11 10.42 -9.25
C ASN C 139 0.75 11.01 -10.50
N ALA C 140 0.79 12.31 -10.59
CA ALA C 140 1.41 13.08 -11.67
C ALA C 140 2.92 12.83 -11.70
N LEU C 141 3.61 12.69 -10.57
CA LEU C 141 5.06 12.45 -10.56
C LEU C 141 5.36 10.99 -10.95
N ALA C 142 4.48 10.02 -10.64
CA ALA C 142 4.75 8.61 -11.01
C ALA C 142 4.19 8.25 -12.39
N HIS C 143 3.73 9.23 -13.11
CA HIS C 143 3.16 9.23 -14.43
C HIS C 143 3.97 8.39 -15.39
N LYS C 144 5.24 8.62 -15.49
CA LYS C 144 6.12 7.91 -16.40
C LYS C 144 6.15 6.43 -16.15
N TYR C 145 5.66 5.98 -15.02
CA TYR C 145 5.64 4.53 -14.76
C TYR C 145 4.32 3.93 -15.25
N HIS C 146 3.30 4.70 -15.56
CA HIS C 146 2.01 4.15 -15.95
C HIS C 146 1.86 3.73 -17.40
N VAL D 1 -2.49 5.24 -19.20
CA VAL D 1 -1.56 4.13 -19.41
C VAL D 1 -0.90 4.24 -20.77
N HIS D 2 0.42 4.02 -20.77
CA HIS D 2 1.16 4.11 -22.04
C HIS D 2 1.78 2.77 -22.35
N LEU D 3 1.38 2.18 -23.48
CA LEU D 3 2.02 0.90 -23.86
C LEU D 3 2.80 1.17 -25.16
N THR D 4 3.88 0.44 -25.30
CA THR D 4 4.72 0.43 -26.50
C THR D 4 3.86 -0.20 -27.59
N PRO D 5 4.20 0.13 -28.82
CA PRO D 5 3.46 -0.35 -30.00
C PRO D 5 3.13 -1.82 -29.69
N GLU D 6 4.23 -2.46 -29.47
CA GLU D 6 4.52 -3.84 -29.15
C GLU D 6 3.75 -4.31 -27.94
N GLU D 7 3.95 -3.62 -26.84
CA GLU D 7 3.22 -4.00 -25.61
C GLU D 7 1.72 -4.05 -25.91
N LYS D 8 1.25 -3.05 -26.61
CA LYS D 8 -0.17 -2.95 -26.95
C LYS D 8 -0.70 -4.14 -27.73
N SER D 9 0.05 -4.50 -28.76
CA SER D 9 -0.39 -5.58 -29.64
C SER D 9 -0.37 -6.92 -28.91
N ALA D 10 0.60 -7.05 -28.03
CA ALA D 10 0.79 -8.29 -27.27
C ALA D 10 -0.34 -8.44 -26.24
N VAL D 11 -0.88 -7.28 -25.88
CA VAL D 11 -1.92 -7.27 -24.88
C VAL D 11 -3.24 -7.68 -25.50
N THR D 12 -3.51 -7.05 -26.57
CA THR D 12 -4.77 -7.17 -27.34
C THR D 12 -4.96 -8.52 -27.97
N ALA D 13 -3.82 -9.10 -28.37
CA ALA D 13 -3.81 -10.42 -29.00
C ALA D 13 -4.22 -11.51 -28.02
N LEU D 14 -3.62 -11.50 -26.87
CA LEU D 14 -3.86 -12.48 -25.81
C LEU D 14 -5.25 -12.38 -25.20
N TRP D 15 -5.80 -11.19 -25.31
CA TRP D 15 -7.12 -10.92 -24.76
C TRP D 15 -8.18 -11.60 -25.61
N GLY D 16 -7.97 -11.62 -26.91
CA GLY D 16 -8.99 -12.25 -27.79
C GLY D 16 -8.99 -13.77 -27.74
N LYS D 17 -8.17 -14.36 -26.93
CA LYS D 17 -8.01 -15.78 -26.74
C LYS D 17 -8.49 -16.11 -25.32
N VAL D 18 -9.00 -15.12 -24.64
CA VAL D 18 -9.45 -15.28 -23.24
C VAL D 18 -10.91 -15.74 -23.22
N ASN D 19 -11.09 -16.71 -22.33
CA ASN D 19 -12.40 -17.30 -21.97
C ASN D 19 -12.81 -16.47 -20.73
N VAL D 20 -13.65 -15.49 -20.91
CA VAL D 20 -14.06 -14.61 -19.83
C VAL D 20 -14.92 -15.27 -18.77
N ASP D 21 -15.55 -16.35 -19.12
CA ASP D 21 -16.41 -17.09 -18.19
C ASP D 21 -15.51 -17.59 -17.06
N GLU D 22 -14.56 -18.34 -17.57
CA GLU D 22 -13.53 -19.00 -16.82
C GLU D 22 -12.65 -18.01 -16.04
N VAL D 23 -12.06 -17.05 -16.74
CA VAL D 23 -11.16 -16.07 -16.04
C VAL D 23 -11.91 -15.24 -15.04
N GLY D 24 -13.08 -14.75 -15.45
CA GLY D 24 -13.92 -13.98 -14.56
C GLY D 24 -14.29 -14.70 -13.29
N GLY D 25 -14.80 -15.93 -13.33
CA GLY D 25 -15.18 -16.68 -12.12
C GLY D 25 -13.99 -17.02 -11.24
N GLU D 26 -12.85 -17.32 -11.86
CA GLU D 26 -11.62 -17.63 -11.15
C GLU D 26 -11.04 -16.39 -10.46
N ALA D 27 -11.06 -15.25 -11.14
CA ALA D 27 -10.48 -14.01 -10.58
C ALA D 27 -11.25 -13.61 -9.35
N LEU D 28 -12.58 -13.58 -9.47
CA LEU D 28 -13.47 -13.20 -8.41
C LEU D 28 -13.46 -14.18 -7.27
N GLY D 29 -13.47 -15.49 -7.51
CA GLY D 29 -13.42 -16.47 -6.41
C GLY D 29 -12.11 -16.38 -5.63
N ARG D 30 -11.02 -16.26 -6.35
CA ARG D 30 -9.67 -16.17 -5.78
C ARG D 30 -9.56 -14.95 -4.89
N LEU D 31 -10.11 -13.85 -5.31
CA LEU D 31 -10.11 -12.64 -4.50
C LEU D 31 -10.78 -12.94 -3.15
N LEU D 32 -11.96 -13.54 -3.17
CA LEU D 32 -12.76 -13.84 -1.98
C LEU D 32 -12.06 -14.81 -1.05
N VAL D 33 -11.36 -15.75 -1.64
CA VAL D 33 -10.63 -16.79 -0.91
C VAL D 33 -9.31 -16.21 -0.37
N VAL D 34 -8.52 -15.58 -1.22
CA VAL D 34 -7.22 -15.04 -0.82
C VAL D 34 -7.32 -13.91 0.17
N TYR D 35 -8.23 -12.98 0.02
CA TYR D 35 -8.38 -11.79 0.92
C TYR D 35 -9.81 -11.83 1.42
N PRO D 36 -10.06 -12.59 2.47
CA PRO D 36 -11.38 -12.88 2.98
C PRO D 36 -12.24 -11.71 3.38
N TRP D 37 -11.60 -10.62 3.76
CA TRP D 37 -12.36 -9.45 4.17
C TRP D 37 -13.22 -8.98 3.01
N THR D 38 -12.85 -9.25 1.77
CA THR D 38 -13.60 -8.77 0.61
C THR D 38 -14.99 -9.40 0.54
N GLN D 39 -15.12 -10.50 1.29
CA GLN D 39 -16.39 -11.23 1.35
C GLN D 39 -17.50 -10.33 1.85
N ARG D 40 -17.18 -9.26 2.56
CA ARG D 40 -18.20 -8.36 3.12
C ARG D 40 -19.00 -7.59 2.12
N PHE D 41 -18.56 -7.51 0.90
CA PHE D 41 -19.29 -6.76 -0.13
C PHE D 41 -20.33 -7.63 -0.83
N PHE D 42 -20.23 -8.93 -0.67
CA PHE D 42 -20.96 -10.01 -1.36
C PHE D 42 -21.78 -10.85 -0.40
N GLU D 43 -22.15 -10.18 0.67
CA GLU D 43 -22.94 -10.81 1.72
C GLU D 43 -24.23 -11.40 1.17
N SER D 44 -24.76 -10.76 0.16
CA SER D 44 -25.96 -11.13 -0.56
C SER D 44 -25.93 -12.44 -1.34
N PHE D 45 -24.73 -12.92 -1.66
CA PHE D 45 -24.46 -14.09 -2.46
C PHE D 45 -24.62 -15.46 -1.83
N GLY D 46 -24.77 -15.53 -0.54
CA GLY D 46 -24.88 -16.83 0.12
C GLY D 46 -23.60 -17.31 0.77
N ASP D 47 -23.32 -18.62 0.54
CA ASP D 47 -22.16 -19.21 1.17
C ASP D 47 -20.86 -18.98 0.37
N LEU D 48 -20.03 -18.28 1.12
CA LEU D 48 -18.68 -17.84 0.78
C LEU D 48 -17.70 -18.32 1.84
N SER D 49 -18.20 -19.08 2.80
CA SER D 49 -17.46 -19.62 3.92
C SER D 49 -16.27 -20.51 3.59
N THR D 50 -16.35 -21.16 2.45
CA THR D 50 -15.29 -22.07 2.01
C THR D 50 -14.90 -21.89 0.56
N PRO D 51 -13.65 -22.20 0.27
CA PRO D 51 -13.14 -22.13 -1.10
C PRO D 51 -14.09 -22.85 -2.01
N ASP D 52 -14.67 -23.96 -1.51
CA ASP D 52 -15.61 -24.76 -2.37
C ASP D 52 -16.92 -24.00 -2.43
N ALA D 53 -17.35 -23.53 -1.27
CA ALA D 53 -18.57 -22.69 -1.24
C ALA D 53 -18.38 -21.64 -2.34
N VAL D 54 -17.36 -20.79 -2.13
CA VAL D 54 -17.03 -19.70 -3.07
C VAL D 54 -16.90 -20.11 -4.53
N MET D 55 -16.05 -21.09 -4.84
CA MET D 55 -15.77 -21.47 -6.22
C MET D 55 -17.00 -22.15 -6.83
N GLY D 56 -17.81 -22.77 -5.99
CA GLY D 56 -19.06 -23.43 -6.37
C GLY D 56 -20.17 -22.43 -6.71
N ASN D 57 -20.26 -21.38 -5.93
CA ASN D 57 -21.24 -20.31 -6.05
C ASN D 57 -21.34 -19.66 -7.41
N PRO D 58 -22.53 -19.87 -8.01
CA PRO D 58 -22.87 -19.31 -9.32
C PRO D 58 -23.16 -17.82 -9.26
N LYS D 59 -23.47 -17.28 -8.09
CA LYS D 59 -23.68 -15.81 -8.00
C LYS D 59 -22.29 -15.17 -8.22
N VAL D 60 -21.28 -15.90 -7.73
CA VAL D 60 -19.88 -15.53 -7.83
C VAL D 60 -19.39 -15.62 -9.27
N LYS D 61 -19.64 -16.80 -9.84
CA LYS D 61 -19.20 -16.97 -11.23
C LYS D 61 -19.86 -15.97 -12.11
N ALA D 62 -21.14 -15.73 -11.85
CA ALA D 62 -21.93 -14.77 -12.65
C ALA D 62 -21.45 -13.34 -12.50
N HIS D 63 -21.13 -12.93 -11.29
CA HIS D 63 -20.65 -11.50 -11.13
C HIS D 63 -19.26 -11.34 -11.72
N GLY D 64 -18.46 -12.41 -11.56
CA GLY D 64 -17.09 -12.40 -12.11
C GLY D 64 -17.12 -12.15 -13.60
N LYS D 65 -18.07 -12.72 -14.30
CA LYS D 65 -18.16 -12.53 -15.76
C LYS D 65 -18.54 -11.11 -16.12
N LYS D 66 -19.42 -10.54 -15.31
CA LYS D 66 -19.90 -9.14 -15.40
C LYS D 66 -18.69 -8.20 -15.20
N VAL D 67 -17.95 -8.46 -14.13
CA VAL D 67 -16.72 -7.66 -13.82
C VAL D 67 -15.77 -7.68 -15.01
N LEU D 68 -15.42 -8.86 -15.47
CA LEU D 68 -14.48 -9.05 -16.59
C LEU D 68 -15.04 -8.47 -17.88
N GLY D 69 -16.36 -8.47 -17.93
CA GLY D 69 -17.09 -7.93 -19.09
C GLY D 69 -16.68 -6.46 -19.22
N ALA D 70 -16.81 -5.72 -18.14
CA ALA D 70 -16.47 -4.28 -18.02
C ALA D 70 -14.98 -4.04 -18.27
N PHE D 71 -14.19 -4.96 -17.80
CA PHE D 71 -12.73 -4.93 -17.98
C PHE D 71 -12.34 -4.94 -19.46
N SER D 72 -13.13 -5.67 -20.23
CA SER D 72 -12.97 -5.80 -21.68
C SER D 72 -13.13 -4.49 -22.43
N ASP D 73 -14.13 -3.67 -22.12
CA ASP D 73 -14.33 -2.35 -22.73
C ASP D 73 -13.01 -1.57 -22.51
N GLY D 74 -12.77 -1.41 -21.23
CA GLY D 74 -11.59 -0.70 -20.72
C GLY D 74 -10.44 -0.84 -21.72
N LEU D 75 -10.24 -2.09 -22.09
CA LEU D 75 -9.17 -2.52 -23.00
C LEU D 75 -9.26 -1.91 -24.38
N ALA D 76 -10.49 -1.84 -24.89
CA ALA D 76 -10.69 -1.27 -26.23
C ALA D 76 -10.49 0.24 -26.18
N HIS D 77 -10.44 0.80 -24.99
CA HIS D 77 -10.30 2.23 -24.74
C HIS D 77 -9.18 2.56 -23.75
N LEU D 78 -8.01 2.00 -23.96
CA LEU D 78 -6.85 2.17 -23.06
C LEU D 78 -6.42 3.64 -22.94
N ASP D 79 -6.82 4.40 -23.92
CA ASP D 79 -6.51 5.83 -24.08
C ASP D 79 -7.40 6.69 -23.20
N ASN D 80 -8.54 6.15 -22.78
CA ASN D 80 -9.45 6.87 -21.91
C ASN D 80 -10.15 5.96 -20.89
N LEU D 81 -9.36 5.29 -20.07
CA LEU D 81 -9.94 4.45 -19.01
C LEU D 81 -10.78 5.29 -18.08
N LYS D 82 -10.27 6.50 -17.85
CA LYS D 82 -10.93 7.44 -16.91
C LYS D 82 -12.36 7.74 -17.33
N GLY D 83 -12.56 7.97 -18.61
CA GLY D 83 -13.84 8.28 -19.22
C GLY D 83 -14.72 7.03 -19.34
N THR D 84 -14.12 5.96 -19.83
CA THR D 84 -14.74 4.64 -19.99
C THR D 84 -15.39 4.16 -18.68
N PHE D 85 -14.64 4.29 -17.60
CA PHE D 85 -15.03 3.85 -16.25
C PHE D 85 -15.70 4.86 -15.37
N ALA D 86 -15.97 6.05 -15.89
CA ALA D 86 -16.57 7.12 -15.08
C ALA D 86 -17.77 6.73 -14.28
N THR D 87 -18.77 6.09 -14.92
CA THR D 87 -20.01 5.79 -14.12
C THR D 87 -19.88 4.61 -13.22
N LEU D 88 -18.97 3.69 -13.53
CA LEU D 88 -18.76 2.52 -12.61
C LEU D 88 -18.02 3.06 -11.36
N SER D 89 -17.22 4.11 -11.65
CA SER D 89 -16.45 4.74 -10.58
C SER D 89 -17.40 5.38 -9.60
N GLU D 90 -18.44 6.01 -10.12
CA GLU D 90 -19.44 6.64 -9.23
C GLU D 90 -20.16 5.58 -8.43
N LEU D 91 -20.49 4.43 -9.02
CA LEU D 91 -21.19 3.36 -8.29
C LEU D 91 -20.33 2.78 -7.17
N HIS D 92 -19.06 2.59 -7.51
CA HIS D 92 -18.14 1.95 -6.54
C HIS D 92 -17.73 2.83 -5.38
N CYS D 93 -17.54 4.11 -5.63
CA CYS D 93 -17.09 5.07 -4.64
C CYS D 93 -18.22 5.60 -3.78
N ASP D 94 -19.23 6.13 -4.46
CA ASP D 94 -20.39 6.76 -3.78
C ASP D 94 -21.38 5.78 -3.19
N LYS D 95 -21.68 4.71 -3.89
CA LYS D 95 -22.69 3.76 -3.41
C LYS D 95 -22.17 2.59 -2.65
N LEU D 96 -21.28 1.83 -3.30
CA LEU D 96 -20.72 0.61 -2.70
C LEU D 96 -19.60 0.91 -1.71
N HIS D 97 -18.90 2.03 -1.83
CA HIS D 97 -17.79 2.30 -0.89
C HIS D 97 -16.70 1.23 -0.88
N VAL D 98 -16.24 0.84 -2.03
CA VAL D 98 -15.18 -0.19 -2.17
C VAL D 98 -13.82 0.58 -2.00
N ASP D 99 -13.02 0.15 -1.04
CA ASP D 99 -11.70 0.77 -0.73
C ASP D 99 -10.87 0.66 -2.03
N PRO D 100 -10.11 1.70 -2.37
CA PRO D 100 -9.23 1.67 -3.54
C PRO D 100 -8.23 0.51 -3.49
N GLU D 101 -7.78 0.10 -2.32
CA GLU D 101 -6.86 -1.05 -2.14
C GLU D 101 -7.49 -2.33 -2.71
N ASN D 102 -8.80 -2.53 -2.56
CA ASN D 102 -9.50 -3.70 -3.12
C ASN D 102 -9.39 -3.78 -4.65
N PHE D 103 -9.41 -2.68 -5.34
CA PHE D 103 -9.26 -2.64 -6.80
C PHE D 103 -7.84 -3.13 -7.12
N ARG D 104 -6.89 -2.68 -6.28
CA ARG D 104 -5.51 -3.15 -6.51
C ARG D 104 -5.39 -4.65 -6.29
N LEU D 105 -5.99 -5.20 -5.24
CA LEU D 105 -5.95 -6.67 -4.99
C LEU D 105 -6.59 -7.50 -6.09
N LEU D 106 -7.66 -6.99 -6.68
CA LEU D 106 -8.34 -7.71 -7.76
C LEU D 106 -7.44 -7.73 -8.99
N GLY D 107 -6.79 -6.58 -9.20
CA GLY D 107 -5.85 -6.39 -10.30
C GLY D 107 -4.77 -7.45 -10.20
N ASN D 108 -4.18 -7.57 -9.03
CA ASN D 108 -3.17 -8.59 -8.76
C ASN D 108 -3.67 -10.03 -9.02
N VAL D 109 -4.83 -10.34 -8.49
CA VAL D 109 -5.41 -11.71 -8.68
C VAL D 109 -5.55 -11.95 -10.18
N LEU D 110 -6.09 -10.97 -10.88
CA LEU D 110 -6.33 -10.98 -12.30
C LEU D 110 -5.07 -11.29 -13.08
N VAL D 111 -3.97 -10.65 -12.74
CA VAL D 111 -2.68 -10.92 -13.41
C VAL D 111 -2.27 -12.34 -13.06
N CYS D 112 -2.50 -12.82 -11.86
CA CYS D 112 -2.19 -14.22 -11.50
C CYS D 112 -2.98 -15.24 -12.36
N VAL D 113 -4.24 -14.94 -12.58
CA VAL D 113 -5.11 -15.82 -13.38
C VAL D 113 -4.62 -15.85 -14.82
N LEU D 114 -4.21 -14.74 -15.37
CA LEU D 114 -3.67 -14.68 -16.76
C LEU D 114 -2.42 -15.49 -16.90
N ALA D 115 -1.56 -15.46 -15.89
CA ALA D 115 -0.32 -16.25 -15.87
C ALA D 115 -0.65 -17.75 -15.91
N HIS D 116 -1.60 -18.10 -15.11
CA HIS D 116 -2.21 -19.44 -14.89
C HIS D 116 -2.92 -19.90 -16.15
N HIS D 117 -3.53 -18.98 -16.86
CA HIS D 117 -4.31 -19.23 -18.07
C HIS D 117 -3.43 -19.20 -19.28
N PHE D 118 -2.19 -18.73 -19.25
CA PHE D 118 -1.39 -18.76 -20.52
C PHE D 118 0.01 -19.33 -20.31
N GLY D 119 0.33 -19.66 -19.08
CA GLY D 119 1.66 -20.19 -18.79
C GLY D 119 2.66 -19.39 -19.65
N LYS D 120 3.26 -20.10 -20.58
CA LYS D 120 4.32 -19.63 -21.46
C LYS D 120 4.13 -18.46 -22.35
N GLU D 121 2.93 -18.04 -22.69
CA GLU D 121 2.84 -16.84 -23.54
C GLU D 121 2.86 -15.62 -22.62
N PHE D 122 2.78 -15.95 -21.33
CA PHE D 122 2.81 -14.87 -20.32
C PHE D 122 4.27 -14.53 -19.99
N THR D 123 4.88 -13.82 -20.93
CA THR D 123 6.32 -13.40 -20.79
C THR D 123 6.42 -12.18 -19.87
N PRO D 124 7.64 -11.92 -19.38
CA PRO D 124 7.94 -10.77 -18.52
C PRO D 124 7.41 -9.47 -19.06
N PRO D 125 7.60 -9.12 -20.33
CA PRO D 125 7.06 -7.90 -20.93
C PRO D 125 5.55 -7.87 -21.01
N VAL D 126 4.94 -9.04 -21.17
CA VAL D 126 3.47 -9.21 -21.27
C VAL D 126 2.92 -8.90 -19.86
N GLN D 127 3.61 -9.48 -18.89
CA GLN D 127 3.20 -9.24 -17.50
C GLN D 127 3.23 -7.75 -17.15
N ALA D 128 4.34 -7.12 -17.57
CA ALA D 128 4.58 -5.68 -17.33
C ALA D 128 3.47 -4.89 -17.96
N ALA D 129 3.08 -5.23 -19.17
CA ALA D 129 2.01 -4.55 -19.87
C ALA D 129 0.66 -4.73 -19.18
N TYR D 130 0.37 -5.96 -18.77
CA TYR D 130 -0.94 -6.19 -18.08
C TYR D 130 -0.92 -5.48 -16.73
N GLN D 131 0.24 -5.50 -16.08
CA GLN D 131 0.34 -4.80 -14.79
C GLN D 131 0.00 -3.32 -14.94
N LYS D 132 0.48 -2.64 -15.98
CA LYS D 132 0.18 -1.23 -16.28
C LYS D 132 -1.31 -1.08 -16.56
N VAL D 133 -1.94 -2.03 -17.25
CA VAL D 133 -3.39 -1.96 -17.53
C VAL D 133 -4.27 -2.05 -16.29
N VAL D 134 -3.93 -3.07 -15.52
CA VAL D 134 -4.64 -3.44 -14.25
C VAL D 134 -4.57 -2.26 -13.30
N ALA D 135 -3.36 -1.69 -13.23
CA ALA D 135 -3.13 -0.49 -12.38
C ALA D 135 -3.95 0.69 -12.87
N GLY D 136 -4.00 0.90 -14.17
CA GLY D 136 -4.78 1.99 -14.76
C GLY D 136 -6.26 1.80 -14.51
N VAL D 137 -6.70 0.53 -14.57
CA VAL D 137 -8.14 0.27 -14.32
C VAL D 137 -8.49 0.53 -12.86
N ALA D 138 -7.64 0.11 -11.97
CA ALA D 138 -7.86 0.31 -10.53
C ALA D 138 -7.95 1.78 -10.17
N ASN D 139 -7.06 2.55 -10.80
CA ASN D 139 -7.01 4.02 -10.60
C ASN D 139 -8.25 4.71 -11.18
N ALA D 140 -8.70 4.30 -12.35
CA ALA D 140 -9.87 4.81 -13.06
C ALA D 140 -11.15 4.47 -12.28
N LEU D 141 -11.19 3.34 -11.60
CA LEU D 141 -12.36 3.01 -10.77
C LEU D 141 -12.33 3.75 -9.42
N ALA D 142 -11.18 4.14 -8.91
CA ALA D 142 -11.06 4.83 -7.61
C ALA D 142 -11.12 6.37 -7.78
N HIS D 143 -11.19 6.80 -9.02
CA HIS D 143 -11.25 8.14 -9.54
C HIS D 143 -12.21 9.05 -8.81
N LYS D 144 -13.39 8.60 -8.49
CA LYS D 144 -14.39 9.36 -7.74
C LYS D 144 -13.89 9.65 -6.33
N TYR D 145 -12.82 9.05 -5.87
CA TYR D 145 -12.34 9.34 -4.53
C TYR D 145 -11.32 10.49 -4.49
N HIS D 146 -10.85 10.96 -5.62
CA HIS D 146 -9.84 12.02 -5.63
C HIS D 146 -10.20 13.23 -6.47
S SO4 E . 6.73 -7.40 13.87
O1 SO4 E . 6.27 -8.75 14.33
O2 SO4 E . 5.55 -6.59 13.44
O3 SO4 E . 7.42 -6.69 14.99
O4 SO4 E . 7.68 -7.57 12.71
CHA HEM F . 21.04 -9.71 -0.69
CHB HEM F . 17.44 -12.66 0.71
CHC HEM F . 14.28 -9.54 -1.20
CHD HEM F . 17.87 -6.51 -2.49
C1A HEM F . 20.39 -10.86 -0.24
C2A HEM F . 20.92 -12.14 0.14
C3A HEM F . 19.93 -12.94 0.54
C4A HEM F . 18.70 -12.19 0.40
CMA HEM F . 19.96 -14.41 1.03
CAA HEM F . 22.44 -12.48 0.15
CBA HEM F . 23.10 -12.00 1.46
CGA HEM F . 24.53 -12.40 1.69
O1A HEM F . 24.75 -12.88 2.84
O2A HEM F . 25.35 -12.21 0.75
C1B HEM F . 16.26 -12.07 0.31
C2B HEM F . 14.95 -12.66 0.46
C3B HEM F . 14.06 -11.84 -0.11
C4B HEM F . 14.79 -10.68 -0.58
CMB HEM F . 14.73 -14.05 1.14
CAB HEM F . 12.55 -12.09 -0.20
CBB HEM F . 11.64 -11.24 0.27
C1C HEM F . 14.95 -8.44 -1.71
C2C HEM F . 14.38 -7.33 -2.43
C3C HEM F . 15.38 -6.49 -2.78
C4C HEM F . 16.62 -7.10 -2.31
CMC HEM F . 12.86 -7.20 -2.66
CAC HEM F . 15.45 -5.16 -3.52
CBC HEM F . 14.55 -4.77 -4.39
C1D HEM F . 19.04 -7.13 -2.13
C2D HEM F . 20.36 -6.60 -2.40
C3D HEM F . 21.23 -7.45 -1.87
C4D HEM F . 20.52 -8.58 -1.32
CMD HEM F . 20.59 -5.24 -3.10
CAD HEM F . 22.79 -7.36 -1.93
CBD HEM F . 23.27 -7.79 -3.35
CGD HEM F . 24.71 -7.50 -3.68
O1D HEM F . 24.93 -6.63 -4.57
O2D HEM F . 25.56 -8.15 -3.01
NA HEM F . 19.00 -10.93 -0.08
NB HEM F . 16.14 -10.85 -0.33
NC HEM F . 16.32 -8.28 -1.65
ND HEM F . 19.16 -8.36 -1.49
FE HEM F . 17.65 -9.43 -0.55
S SO4 G . 2.37 -11.89 13.21
O1 SO4 G . 3.06 -11.93 14.53
O2 SO4 G . 3.29 -11.30 12.17
O3 SO4 G . 1.97 -13.28 12.79
O4 SO4 G . 1.15 -11.02 13.33
CHA HEM H . -15.26 -2.05 17.44
CHB HEM H . -10.72 -1.02 18.81
CHC HEM H . -9.64 0.06 14.19
CHD HEM H . -14.24 -0.79 12.87
C1A HEM H . -14.15 -1.84 18.23
C2A HEM H . -14.06 -1.93 19.66
C3A HEM H . -12.82 -1.68 20.04
C4A HEM H . -12.06 -1.36 18.84
CMA HEM H . -12.17 -1.63 21.41
CAA HEM H . -15.31 -2.32 20.51
CBA HEM H . -15.47 -3.80 20.82
CGA HEM H . -16.86 -4.34 21.10
O1A HEM H . -17.72 -4.34 20.17
O2A HEM H . -17.01 -4.78 22.27
C1B HEM H . -10.04 -0.63 17.66
C2B HEM H . -8.66 -0.22 17.63
C3B HEM H . -8.33 0.08 16.37
C4B HEM H . -9.50 -0.14 15.56
CMB HEM H . -7.74 -0.20 18.87
CAB HEM H . -6.93 0.56 15.96
CBB HEM H . -6.36 0.27 14.82
C1C HEM H . -10.79 -0.02 13.42
C2C HEM H . -10.96 0.36 12.02
C3C HEM H . -12.22 0.14 11.67
C4C HEM H . -12.89 -0.44 12.83
CMC HEM H . -9.80 0.96 11.18
CAC HEM H . -12.98 0.30 10.38
CBC HEM H . -12.84 1.20 9.44
C1D HEM H . -14.95 -1.19 14.00
C2D HEM H . -16.36 -1.52 14.06
C3D HEM H . -16.63 -1.86 15.33
C4D HEM H . -15.42 -1.75 16.09
CMD HEM H . -17.30 -1.45 12.85
CAD HEM H . -17.95 -2.35 15.96
CBD HEM H . -19.10 -1.35 15.96
CGD HEM H . -20.47 -1.88 16.39
O1D HEM H . -21.27 -2.21 15.47
O2D HEM H . -20.63 -1.93 17.64
NA HEM H . -12.90 -1.46 17.74
NB HEM H . -10.56 -0.56 16.37
NC HEM H . -12.00 -0.52 13.88
ND HEM H . -14.38 -1.34 15.25
FE HEM H . -12.39 -1.25 15.77
S SO4 I . -2.22 8.66 -15.83
O1 SO4 I . -3.10 7.73 -15.02
O2 SO4 I . -1.26 7.84 -16.64
O3 SO4 I . -3.05 9.48 -16.76
O4 SO4 I . -1.46 9.55 -14.90
CHA HEM J . 14.92 16.27 -7.27
CHB HEM J . 10.37 17.76 -6.56
CHC HEM J . 9.37 13.73 -4.03
CHD HEM J . 14.03 12.41 -4.40
C1A HEM J . 13.79 17.07 -7.24
C2A HEM J . 13.68 18.41 -7.74
C3A HEM J . 12.45 18.84 -7.59
C4A HEM J . 11.71 17.76 -6.94
CMA HEM J . 11.81 20.19 -7.98
CAA HEM J . 14.88 19.14 -8.38
CBA HEM J . 14.99 18.94 -9.89
CGA HEM J . 16.25 19.73 -10.31
O1A HEM J . 17.31 19.09 -10.15
O2A HEM J . 15.96 20.92 -10.61
C1B HEM J . 9.67 16.78 -5.86
C2B HEM J . 8.24 16.77 -5.60
C3B HEM J . 7.98 15.65 -4.91
C4B HEM J . 9.22 14.93 -4.72
CMB HEM J . 7.33 17.91 -6.09
CAB HEM J . 6.64 15.12 -4.35
CBB HEM J . 5.87 15.96 -3.65
C1C HEM J . 10.57 13.04 -3.88
C2C HEM J . 10.71 11.81 -3.11
C3C HEM J . 12.01 11.45 -3.20
C4C HEM J . 12.68 12.43 -4.03
CMC HEM J . 9.54 11.17 -2.34
CAC HEM J . 12.74 10.23 -2.62
CBC HEM J . 12.46 9.70 -1.45
C1D HEM J . 14.69 13.36 -5.20
C2D HEM J . 16.08 13.34 -5.55
C3D HEM J . 16.29 14.37 -6.38
C4D HEM J . 15.07 15.10 -6.56
CMD HEM J . 17.05 12.23 -5.02
CAD HEM J . 17.62 14.85 -7.02
CBD HEM J . 18.53 15.47 -5.91
CGD HEM J . 19.77 16.05 -6.59
O1D HEM J . 20.82 15.89 -5.94
O2D HEM J . 19.55 16.57 -7.71
NA HEM J . 12.57 16.69 -6.73
NB HEM J . 10.24 15.64 -5.35
NC HEM J . 11.79 13.41 -4.44
ND HEM J . 14.10 14.47 -5.81
FE HEM J . 12.10 14.87 -5.90
S SO4 K . -6.37 10.42 -11.14
O1 SO4 K . -5.15 9.85 -11.82
O2 SO4 K . -6.07 10.62 -9.70
O3 SO4 K . -6.69 11.76 -11.75
O4 SO4 K . -7.52 9.48 -11.34
CHA HEM L . -20.75 -4.37 -9.35
CHB HEM L . -17.09 -3.83 -12.44
CHC HEM L . -13.99 -4.39 -8.77
CHD HEM L . -17.67 -5.05 -5.67
C1A HEM L . -20.07 -4.24 -10.54
C2A HEM L . -20.59 -4.24 -11.88
C3A HEM L . -19.59 -4.10 -12.72
C4A HEM L . -18.37 -4.00 -11.93
CMA HEM L . -19.57 -4.06 -14.26
CAA HEM L . -22.09 -4.35 -12.22
CBA HEM L . -22.84 -3.04 -12.33
CGA HEM L . -24.33 -3.14 -12.60
O1A HEM L . -25.06 -2.55 -11.76
O2A HEM L . -24.76 -3.75 -13.61
C1B HEM L . -15.92 -3.91 -11.72
C2B HEM L . -14.59 -3.79 -12.26
C3B HEM L . -13.74 -3.94 -11.25
C4B HEM L . -14.49 -4.17 -10.05
CMB HEM L . -14.27 -3.50 -13.72
CAB HEM L . -12.18 -3.86 -11.27
CBB HEM L . -11.61 -4.61 -12.21
C1C HEM L . -14.70 -4.65 -7.60
C2C HEM L . -14.14 -5.01 -6.31
C3C HEM L . -15.16 -5.19 -5.48
C4C HEM L . -16.39 -4.94 -6.22
CMC HEM L . -12.63 -5.19 -6.07
CAC HEM L . -15.21 -5.56 -3.99
CBC HEM L . -14.31 -6.24 -3.34
C1D HEM L . -18.85 -4.97 -6.41
C2D HEM L . -20.18 -5.13 -5.88
C3D HEM L . -21.03 -4.93 -6.89
C4D HEM L . -20.28 -4.65 -8.07
CMD HEM L . -20.48 -5.45 -4.41
CAD HEM L . -22.56 -5.04 -6.87
CBD HEM L . -23.04 -6.48 -7.16
CGD HEM L . -24.49 -6.69 -6.72
O1D HEM L . -24.63 -7.10 -5.53
O2D HEM L . -25.38 -6.43 -7.57
NA HEM L . -18.71 -4.16 -10.61
NB HEM L . -15.86 -4.15 -10.35
NC HEM L . -16.08 -4.65 -7.50
ND HEM L . -18.91 -4.69 -7.77
FE HEM L . -17.39 -4.11 -8.99
#